data_9JN6
#
_entry.id   9JN6
#
_cell.length_a   90.878
_cell.length_b   101.613
_cell.length_c   111.155
_cell.angle_alpha   90.00
_cell.angle_beta   90.00
_cell.angle_gamma   90.00
#
_symmetry.space_group_name_H-M   'P 21 21 21'
#
loop_
_entity.id
_entity.type
_entity.pdbx_description
1 polymer 'FMN-binding protein'
2 non-polymer 'PROTOPORPHYRIN IX CONTAINING FE'
3 non-polymer '(3~{S})-1,2-diazinane-3-carboxylic acid'
4 water water
#
_entity_poly.entity_id   1
_entity_poly.type   'polypeptide(L)'
_entity_poly.pdbx_seq_one_letter_code
;AGAGAMFVPGPYHAPEDRWLVDLVRGHPLAQLASNGAGGAAPHITHVPIIVDPELDGPVDRLVGITLWGHMNRANPHWAA
LGGAANVVATFAGPNAYVSPAVYRTAPAAPTWNFTSVQVRGELRKVESADDTLATVRATVAALESRFGAGWDMTGSLDYF
RRILPGVGAFRLRVAEADGMFKLSQEQQPAIRRRVRHSFGGAEATRAVAGLMDRLPTE
;
_entity_poly.pdbx_strand_id   B,C,D,A
#
loop_
_chem_comp.id
_chem_comp.type
_chem_comp.name
_chem_comp.formula
A1ECN peptide-like '(3~{S})-1,2-diazinane-3-carboxylic acid' 'C5 H10 N2 O2'
HEM non-polymer 'PROTOPORPHYRIN IX CONTAINING FE' 'C34 H32 Fe N4 O4'
#
# COMPACT_ATOMS: atom_id res chain seq x y z
N GLY A 4 30.61 -19.32 12.75
CA GLY A 4 29.86 -20.15 11.77
C GLY A 4 29.79 -19.53 10.38
N ALA A 5 29.03 -20.16 9.48
CA ALA A 5 28.91 -19.77 8.08
C ALA A 5 27.93 -18.59 7.94
N MET A 6 27.06 -18.40 8.94
CA MET A 6 26.11 -17.25 8.96
C MET A 6 26.36 -16.43 10.23
N PHE A 7 26.47 -15.12 10.10
CA PHE A 7 26.66 -14.21 11.26
C PHE A 7 25.32 -13.97 11.95
N VAL A 8 25.14 -14.46 13.19
CA VAL A 8 23.87 -14.24 13.94
C VAL A 8 24.21 -13.79 15.34
N PRO A 9 24.01 -12.48 15.65
CA PRO A 9 24.21 -11.97 17.00
C PRO A 9 23.38 -12.78 17.99
N GLY A 10 23.93 -13.00 19.18
CA GLY A 10 23.34 -13.84 20.24
C GLY A 10 21.85 -13.56 20.48
N PRO A 11 21.41 -12.28 20.55
CA PRO A 11 20.01 -12.00 20.87
C PRO A 11 19.03 -12.52 19.81
N TYR A 12 19.51 -12.80 18.61
CA TYR A 12 18.65 -13.11 17.45
C TYR A 12 18.68 -14.61 17.15
N HIS A 13 19.23 -15.40 18.04
CA HIS A 13 19.12 -16.88 17.95
C HIS A 13 17.66 -17.27 18.22
N ALA A 14 17.13 -18.24 17.47
CA ALA A 14 15.81 -18.81 17.77
C ALA A 14 15.84 -19.39 19.18
N PRO A 15 14.70 -19.32 19.89
CA PRO A 15 14.53 -20.02 21.17
C PRO A 15 14.69 -21.54 21.10
N GLU A 16 14.32 -22.17 19.98
CA GLU A 16 14.25 -23.64 19.81
C GLU A 16 14.68 -23.97 18.40
N ASP A 17 15.34 -25.11 18.18
CA ASP A 17 15.69 -25.59 16.82
C ASP A 17 14.44 -25.64 15.94
N ARG A 18 13.29 -25.98 16.50
CA ARG A 18 12.02 -26.15 15.76
C ARG A 18 11.68 -24.88 14.95
N TRP A 19 12.05 -23.68 15.43
CA TRP A 19 11.72 -22.42 14.73
C TRP A 19 12.32 -22.44 13.33
N LEU A 20 13.51 -23.00 13.16
CA LEU A 20 14.18 -22.99 11.84
C LEU A 20 13.39 -23.91 10.91
N VAL A 21 13.00 -25.09 11.39
CA VAL A 21 12.22 -26.06 10.59
C VAL A 21 10.91 -25.37 10.21
N ASP A 22 10.28 -24.69 11.16
CA ASP A 22 8.97 -24.04 10.88
C ASP A 22 9.16 -23.01 9.76
N LEU A 23 10.26 -22.27 9.76
CA LEU A 23 10.44 -21.18 8.76
C LEU A 23 10.62 -21.85 7.39
N VAL A 24 11.39 -22.92 7.34
CA VAL A 24 11.59 -23.65 6.06
C VAL A 24 10.24 -24.12 5.51
N ARG A 25 9.41 -24.70 6.36
CA ARG A 25 8.06 -25.17 5.95
C ARG A 25 7.18 -24.01 5.51
N GLY A 26 7.29 -22.87 6.19
CA GLY A 26 6.45 -21.70 5.94
C GLY A 26 6.78 -20.96 4.65
N HIS A 27 8.02 -21.08 4.19
CA HIS A 27 8.67 -20.21 3.15
C HIS A 27 9.52 -21.05 2.23
N PRO A 28 8.88 -21.99 1.50
CA PRO A 28 9.61 -22.98 0.72
C PRO A 28 10.33 -22.45 -0.53
N LEU A 29 9.99 -21.24 -1.01
CA LEU A 29 10.68 -20.69 -2.20
C LEU A 29 11.99 -20.07 -1.70
N ALA A 30 13.06 -20.85 -1.72
CA ALA A 30 14.39 -20.50 -1.21
C ALA A 30 15.24 -19.88 -2.31
N GLN A 31 16.22 -19.09 -1.87
CA GLN A 31 17.29 -18.61 -2.77
C GLN A 31 18.45 -19.59 -2.64
N LEU A 32 18.69 -20.32 -3.71
CA LEU A 32 19.80 -21.29 -3.75
C LEU A 32 21.02 -20.57 -4.34
N ALA A 33 22.13 -20.57 -3.63
CA ALA A 33 23.38 -19.88 -4.01
C ALA A 33 24.54 -20.89 -4.09
N SER A 34 25.28 -20.78 -5.17
CA SER A 34 26.59 -21.44 -5.34
C SER A 34 27.60 -20.48 -5.96
N ASN A 35 28.87 -20.83 -5.88
CA ASN A 35 29.97 -19.93 -6.29
C ASN A 35 29.91 -19.70 -7.79
N GLY A 36 30.22 -18.49 -8.25
CA GLY A 36 30.45 -18.18 -9.66
C GLY A 36 31.83 -18.71 -10.03
N ALA A 37 32.01 -19.04 -11.30
CA ALA A 37 33.29 -19.57 -11.83
C ALA A 37 34.22 -18.38 -12.02
N GLY A 38 35.52 -18.60 -11.73
CA GLY A 38 36.62 -17.68 -12.03
C GLY A 38 36.30 -16.28 -11.53
N GLY A 39 36.03 -16.18 -10.23
CA GLY A 39 35.86 -14.88 -9.53
C GLY A 39 34.50 -14.22 -9.73
N ALA A 40 33.60 -14.76 -10.57
CA ALA A 40 32.27 -14.17 -10.84
C ALA A 40 31.43 -14.24 -9.57
N ALA A 41 30.40 -13.41 -9.51
CA ALA A 41 29.48 -13.40 -8.35
C ALA A 41 28.74 -14.74 -8.36
N PRO A 42 28.27 -15.18 -7.18
CA PRO A 42 27.43 -16.37 -7.09
C PRO A 42 26.24 -16.41 -8.06
N HIS A 43 25.87 -17.62 -8.47
CA HIS A 43 24.59 -17.93 -9.13
C HIS A 43 23.53 -18.01 -8.05
N ILE A 44 22.38 -17.36 -8.29
CA ILE A 44 21.26 -17.36 -7.33
C ILE A 44 20.00 -17.75 -8.08
N THR A 45 19.31 -18.81 -7.63
CA THR A 45 18.03 -19.23 -8.21
C THR A 45 16.99 -19.41 -7.12
N HIS A 46 15.78 -18.86 -7.37
CA HIS A 46 14.60 -19.16 -6.52
C HIS A 46 14.06 -20.53 -6.86
N VAL A 47 14.08 -21.41 -5.89
CA VAL A 47 13.68 -22.83 -6.07
C VAL A 47 12.83 -23.29 -4.91
N PRO A 48 11.83 -24.13 -5.23
CA PRO A 48 10.97 -24.69 -4.19
C PRO A 48 11.70 -25.82 -3.50
N ILE A 49 11.75 -25.75 -2.17
CA ILE A 49 12.51 -26.74 -1.38
C ILE A 49 11.65 -27.21 -0.21
N ILE A 50 11.60 -28.53 0.03
CA ILE A 50 10.76 -29.16 1.09
C ILE A 50 11.62 -30.08 1.93
N VAL A 51 11.20 -30.28 3.17
CA VAL A 51 11.76 -31.34 4.03
C VAL A 51 11.45 -32.72 3.43
N ASP A 52 12.41 -33.61 3.49
CA ASP A 52 12.27 -35.05 3.17
C ASP A 52 10.88 -35.52 3.58
N PRO A 53 10.04 -35.91 2.62
CA PRO A 53 8.67 -36.34 2.95
C PRO A 53 8.59 -37.70 3.66
N GLU A 54 9.70 -38.44 3.68
CA GLU A 54 9.75 -39.79 4.30
C GLU A 54 10.01 -39.67 5.82
N LEU A 55 10.30 -38.49 6.36
CA LEU A 55 10.53 -38.38 7.81
C LEU A 55 9.22 -38.60 8.55
N ASP A 56 9.25 -39.53 9.50
CA ASP A 56 8.26 -39.68 10.59
C ASP A 56 8.90 -39.15 11.87
N GLY A 57 8.08 -39.03 12.91
CA GLY A 57 8.46 -38.39 14.18
C GLY A 57 8.43 -36.87 14.03
N PRO A 58 8.46 -36.13 15.16
CA PRO A 58 8.62 -34.68 15.12
C PRO A 58 9.96 -34.38 14.45
N VAL A 59 9.99 -33.38 13.57
CA VAL A 59 11.26 -32.85 12.98
C VAL A 59 11.62 -31.56 13.71
N ASP A 60 12.58 -31.64 14.63
CA ASP A 60 12.97 -30.51 15.51
C ASP A 60 14.24 -29.80 14.99
N ARG A 61 15.08 -30.49 14.23
CA ARG A 61 16.41 -30.00 13.80
C ARG A 61 16.54 -30.17 12.29
N LEU A 62 17.12 -29.18 11.63
CA LEU A 62 17.41 -29.30 10.17
C LEU A 62 18.72 -30.06 9.96
N VAL A 63 19.70 -29.91 10.86
CA VAL A 63 21.02 -30.54 10.63
C VAL A 63 20.83 -32.06 10.62
N GLY A 64 21.23 -32.70 9.51
CA GLY A 64 21.22 -34.16 9.30
C GLY A 64 20.01 -34.63 8.52
N ILE A 65 19.06 -33.75 8.22
CA ILE A 65 17.95 -34.15 7.32
C ILE A 65 18.32 -33.76 5.88
N THR A 66 17.66 -34.42 4.94
CA THR A 66 17.79 -34.18 3.49
C THR A 66 16.61 -33.30 3.06
N LEU A 67 16.89 -32.26 2.33
CA LEU A 67 15.86 -31.43 1.69
C LEU A 67 15.76 -31.84 0.22
N TRP A 68 14.55 -31.78 -0.31
CA TRP A 68 14.30 -32.05 -1.75
C TRP A 68 14.02 -30.73 -2.43
N GLY A 69 14.35 -30.61 -3.71
CA GLY A 69 14.01 -29.39 -4.43
C GLY A 69 14.12 -29.66 -5.91
N HIS A 70 13.71 -28.72 -6.72
CA HIS A 70 13.89 -28.83 -8.19
C HIS A 70 14.13 -27.44 -8.78
N MET A 71 14.60 -27.42 -10.03
CA MET A 71 14.86 -26.17 -10.75
C MET A 71 14.77 -26.56 -12.22
N ASN A 72 14.92 -25.58 -13.07
CA ASN A 72 14.88 -25.76 -14.54
C ASN A 72 16.25 -26.26 -15.03
N ARG A 73 16.31 -27.38 -15.76
CA ARG A 73 17.58 -27.83 -16.40
C ARG A 73 18.11 -26.80 -17.39
N ALA A 74 17.24 -25.99 -17.99
CA ALA A 74 17.57 -24.96 -19.00
C ALA A 74 18.30 -23.80 -18.34
N ASN A 75 18.12 -23.61 -17.03
CA ASN A 75 18.80 -22.57 -16.24
C ASN A 75 20.29 -22.90 -16.21
N PRO A 76 21.21 -22.00 -16.65
CA PRO A 76 22.65 -22.29 -16.58
C PRO A 76 23.18 -22.70 -15.20
N HIS A 77 22.43 -22.35 -14.17
CA HIS A 77 22.82 -22.68 -12.80
C HIS A 77 22.86 -24.21 -12.63
N TRP A 78 21.91 -24.90 -13.23
CA TRP A 78 21.90 -26.39 -13.20
C TRP A 78 23.25 -26.96 -13.68
N ALA A 79 23.69 -26.65 -14.90
CA ALA A 79 25.02 -27.12 -15.40
C ALA A 79 26.14 -26.66 -14.46
N ALA A 80 26.05 -25.45 -13.90
CA ALA A 80 27.13 -24.82 -13.12
C ALA A 80 27.31 -25.61 -11.83
N LEU A 81 26.27 -26.30 -11.35
CA LEU A 81 26.38 -27.03 -10.06
C LEU A 81 27.29 -28.26 -10.24
N GLY A 82 27.42 -28.75 -11.46
CA GLY A 82 28.23 -29.94 -11.75
C GLY A 82 27.94 -31.04 -10.73
N GLY A 83 28.99 -31.58 -10.09
CA GLY A 83 28.90 -32.78 -9.23
C GLY A 83 28.37 -32.46 -7.84
N ALA A 84 29.27 -32.40 -6.86
CA ALA A 84 28.94 -32.26 -5.42
C ALA A 84 29.15 -30.80 -4.99
N ALA A 85 28.34 -29.88 -5.51
CA ALA A 85 28.49 -28.42 -5.25
C ALA A 85 28.14 -28.11 -3.80
N ASN A 86 28.98 -27.33 -3.12
CA ASN A 86 28.68 -26.81 -1.78
C ASN A 86 27.78 -25.61 -1.98
N VAL A 87 26.60 -25.64 -1.39
CA VAL A 87 25.58 -24.59 -1.66
C VAL A 87 25.06 -24.05 -0.34
N VAL A 88 24.41 -22.90 -0.43
CA VAL A 88 23.58 -22.34 0.67
C VAL A 88 22.17 -22.14 0.11
N ALA A 89 21.16 -22.53 0.88
CA ALA A 89 19.74 -22.22 0.54
C ALA A 89 19.19 -21.36 1.65
N THR A 90 18.72 -20.17 1.28
CA THR A 90 18.26 -19.16 2.25
C THR A 90 16.75 -19.07 2.15
N PHE A 91 16.09 -19.15 3.29
CA PHE A 91 14.62 -19.12 3.41
C PHE A 91 14.33 -17.84 4.18
N ALA A 92 13.47 -17.01 3.65
CA ALA A 92 13.21 -15.66 4.21
C ALA A 92 11.76 -15.66 4.69
N GLY A 93 11.54 -15.39 5.97
CA GLY A 93 10.20 -15.36 6.55
C GLY A 93 9.69 -13.93 6.76
N PRO A 94 8.77 -13.78 7.73
CA PRO A 94 8.18 -12.49 8.06
C PRO A 94 9.26 -11.45 8.35
N ASN A 95 8.95 -10.22 7.97
CA ASN A 95 9.91 -9.11 8.14
C ASN A 95 9.15 -7.79 8.04
N ALA A 96 9.66 -6.77 8.73
CA ALA A 96 9.03 -5.43 8.70
C ALA A 96 10.03 -4.37 9.17
N TYR A 97 10.02 -3.23 8.49
CA TYR A 97 10.79 -2.03 8.94
C TYR A 97 10.30 -1.53 10.31
N VAL A 98 11.23 -1.12 11.11
CA VAL A 98 10.95 -0.66 12.52
C VAL A 98 11.30 0.84 12.56
N SER A 99 10.27 1.68 12.61
CA SER A 99 10.44 3.13 12.75
C SER A 99 10.73 3.42 14.20
N PRO A 100 11.76 4.22 14.57
CA PRO A 100 11.91 4.70 15.94
C PRO A 100 10.72 5.50 16.48
N ALA A 101 9.83 6.00 15.61
CA ALA A 101 8.52 6.58 16.01
C ALA A 101 7.77 5.61 16.91
N VAL A 102 7.87 4.31 16.67
CA VAL A 102 7.13 3.28 17.45
C VAL A 102 7.75 3.18 18.83
N TYR A 103 9.07 3.35 18.95
CA TYR A 103 9.76 3.23 20.26
C TYR A 103 9.29 4.30 21.22
N ARG A 104 9.04 5.50 20.70
CA ARG A 104 8.72 6.76 21.45
C ARG A 104 9.85 7.10 22.44
N THR A 105 11.08 6.77 22.08
CA THR A 105 12.30 6.98 22.90
C THR A 105 13.31 7.73 22.05
N ALA A 106 14.29 8.35 22.68
CA ALA A 106 15.34 9.09 21.98
C ALA A 106 16.60 8.97 22.82
N PRO A 107 17.82 8.90 22.22
CA PRO A 107 17.98 8.77 20.77
C PRO A 107 17.72 7.32 20.32
N ALA A 108 17.75 7.08 19.00
CA ALA A 108 17.48 5.73 18.46
C ALA A 108 17.93 5.69 17.02
N ALA A 109 17.86 4.52 16.43
CA ALA A 109 18.11 4.37 14.98
C ALA A 109 17.10 3.36 14.48
N PRO A 110 16.67 3.43 13.20
CA PRO A 110 15.71 2.44 12.77
C PRO A 110 16.39 1.10 12.57
N THR A 111 15.55 0.08 12.35
CA THR A 111 16.07 -1.22 11.91
C THR A 111 15.02 -1.91 11.05
N TRP A 112 15.34 -3.13 10.68
CA TRP A 112 14.43 -4.01 9.93
C TRP A 112 14.35 -5.33 10.66
N ASN A 113 13.18 -5.68 11.22
CA ASN A 113 13.01 -6.99 11.88
C ASN A 113 12.86 -8.00 10.75
N PHE A 114 13.54 -9.16 10.80
CA PHE A 114 13.39 -10.14 9.73
C PHE A 114 13.78 -11.50 10.28
N THR A 115 13.43 -12.49 9.50
CA THR A 115 13.68 -13.91 9.85
C THR A 115 14.35 -14.56 8.66
N SER A 116 15.36 -15.37 8.91
CA SER A 116 16.10 -15.99 7.80
C SER A 116 16.65 -17.33 8.29
N VAL A 117 16.59 -18.36 7.46
CA VAL A 117 17.31 -19.62 7.73
C VAL A 117 18.26 -19.85 6.58
N GLN A 118 19.52 -20.10 6.87
CA GLN A 118 20.49 -20.48 5.81
C GLN A 118 20.91 -21.92 6.07
N VAL A 119 20.69 -22.80 5.13
CA VAL A 119 21.16 -24.18 5.26
C VAL A 119 22.32 -24.35 4.28
N ARG A 120 23.33 -25.07 4.72
CA ARG A 120 24.52 -25.34 3.89
C ARG A 120 24.75 -26.83 3.78
N GLY A 121 25.05 -27.31 2.59
CA GLY A 121 25.57 -28.67 2.43
C GLY A 121 25.81 -28.95 0.98
N GLU A 122 25.97 -30.21 0.63
CA GLU A 122 26.34 -30.64 -0.74
C GLU A 122 25.06 -30.94 -1.51
N LEU A 123 24.84 -30.25 -2.63
CA LEU A 123 23.69 -30.52 -3.48
C LEU A 123 24.07 -31.70 -4.36
N ARG A 124 23.24 -32.73 -4.36
CA ARG A 124 23.42 -33.86 -5.31
C ARG A 124 22.24 -33.89 -6.24
N LYS A 125 22.54 -33.96 -7.53
CA LYS A 125 21.52 -34.02 -8.57
C LYS A 125 20.90 -35.40 -8.55
N VAL A 126 19.59 -35.44 -8.73
CA VAL A 126 18.78 -36.64 -9.09
C VAL A 126 18.79 -36.72 -10.63
N GLU A 127 19.19 -37.84 -11.21
CA GLU A 127 19.08 -37.93 -12.71
C GLU A 127 17.93 -38.86 -13.10
N SER A 128 17.47 -39.78 -12.24
CA SER A 128 16.43 -40.75 -12.62
C SER A 128 15.07 -40.06 -12.74
N ALA A 129 14.31 -40.47 -13.76
CA ALA A 129 12.96 -39.96 -14.02
C ALA A 129 12.10 -40.31 -12.79
N ASP A 130 12.33 -41.46 -12.16
CA ASP A 130 11.40 -41.92 -11.10
C ASP A 130 11.57 -40.96 -9.93
N ASP A 131 12.81 -40.59 -9.59
CA ASP A 131 13.11 -39.74 -8.41
C ASP A 131 12.80 -38.27 -8.71
N THR A 132 12.83 -37.85 -9.97
CA THR A 132 12.41 -36.53 -10.45
C THR A 132 10.90 -36.40 -10.31
N LEU A 133 10.15 -37.44 -10.71
CA LEU A 133 8.68 -37.42 -10.59
C LEU A 133 8.35 -37.41 -9.09
N ALA A 134 8.99 -38.25 -8.30
CA ALA A 134 8.77 -38.25 -6.84
C ALA A 134 8.94 -36.81 -6.30
N THR A 135 10.02 -36.14 -6.72
CA THR A 135 10.35 -34.81 -6.19
C THR A 135 9.15 -33.89 -6.41
N VAL A 136 8.69 -33.77 -7.66
CA VAL A 136 7.62 -32.79 -7.95
C VAL A 136 6.29 -33.23 -7.34
N ARG A 137 5.97 -34.55 -7.25
CA ARG A 137 4.70 -34.99 -6.63
C ARG A 137 4.76 -34.71 -5.12
N ALA A 138 5.90 -34.88 -4.48
CA ALA A 138 6.04 -34.66 -3.03
C ALA A 138 5.89 -33.16 -2.76
N THR A 139 6.41 -32.37 -3.67
CA THR A 139 6.35 -30.89 -3.56
C THR A 139 4.89 -30.48 -3.70
N VAL A 140 4.14 -31.03 -4.64
CA VAL A 140 2.69 -30.65 -4.75
C VAL A 140 2.08 -31.01 -3.40
N ALA A 141 2.27 -32.24 -2.92
CA ALA A 141 1.56 -32.68 -1.70
C ALA A 141 1.82 -31.71 -0.54
N ALA A 142 3.09 -31.33 -0.36
CA ALA A 142 3.51 -30.46 0.77
C ALA A 142 2.97 -29.04 0.54
N LEU A 143 2.99 -28.53 -0.69
CA LEU A 143 2.68 -27.07 -0.85
C LEU A 143 1.17 -26.87 -1.02
N GLU A 144 0.48 -27.72 -1.80
CA GLU A 144 -0.96 -27.53 -2.06
C GLU A 144 -1.68 -27.61 -0.71
N SER A 145 -1.30 -28.55 0.15
CA SER A 145 -1.92 -28.69 1.51
C SER A 145 -1.70 -27.39 2.30
N ARG A 146 -0.51 -26.84 2.29
CA ARG A 146 -0.19 -25.70 3.18
C ARG A 146 -0.61 -24.34 2.62
N PHE A 147 -0.54 -24.11 1.30
CA PHE A 147 -0.70 -22.77 0.68
C PHE A 147 -1.82 -22.75 -0.36
N GLY A 148 -2.40 -23.90 -0.67
CA GLY A 148 -3.27 -24.03 -1.83
C GLY A 148 -4.75 -23.88 -1.53
N ALA A 149 -5.56 -24.46 -2.40
CA ALA A 149 -7.02 -24.25 -2.47
C ALA A 149 -7.71 -25.57 -2.82
N GLY A 150 -7.17 -26.68 -2.33
CA GLY A 150 -7.79 -28.01 -2.38
C GLY A 150 -7.69 -28.62 -3.77
N TRP A 151 -6.68 -28.25 -4.52
CA TRP A 151 -6.51 -28.85 -5.86
C TRP A 151 -6.07 -30.31 -5.71
N ASP A 152 -6.67 -31.16 -6.54
CA ASP A 152 -6.34 -32.61 -6.55
C ASP A 152 -5.46 -32.88 -7.76
N MET A 153 -4.22 -33.30 -7.54
CA MET A 153 -3.24 -33.56 -8.62
C MET A 153 -3.61 -34.85 -9.38
N THR A 154 -4.59 -35.63 -8.89
CA THR A 154 -4.85 -36.97 -9.48
C THR A 154 -5.02 -36.85 -11.00
N GLY A 155 -5.88 -35.95 -11.44
CA GLY A 155 -6.15 -35.79 -12.89
C GLY A 155 -4.94 -35.37 -13.70
N SER A 156 -3.86 -34.91 -13.07
CA SER A 156 -2.67 -34.35 -13.75
C SER A 156 -1.47 -35.26 -13.57
N LEU A 157 -1.68 -36.46 -12.98
CA LEU A 157 -0.48 -37.29 -12.68
C LEU A 157 0.23 -37.70 -13.96
N ASP A 158 -0.53 -38.02 -15.01
CA ASP A 158 0.14 -38.39 -16.29
C ASP A 158 0.70 -37.15 -16.96
N TYR A 159 0.02 -36.02 -16.86
CA TYR A 159 0.54 -34.73 -17.39
C TYR A 159 1.93 -34.43 -16.80
N PHE A 160 2.13 -34.62 -15.49
CA PHE A 160 3.45 -34.42 -14.89
C PHE A 160 4.51 -35.22 -15.65
N ARG A 161 4.22 -36.48 -15.97
CA ARG A 161 5.20 -37.33 -16.62
C ARG A 161 5.38 -36.80 -18.03
N ARG A 162 4.34 -36.21 -18.61
CA ARG A 162 4.39 -35.68 -20.03
C ARG A 162 5.17 -34.34 -20.11
N ILE A 163 5.43 -33.65 -19.01
CA ILE A 163 6.21 -32.38 -19.00
C ILE A 163 7.49 -32.55 -18.16
N LEU A 164 7.92 -33.75 -17.86
CA LEU A 164 8.99 -33.97 -16.83
C LEU A 164 10.42 -33.63 -17.26
N PRO A 165 10.86 -33.78 -18.54
CA PRO A 165 12.29 -33.69 -18.83
C PRO A 165 13.04 -32.40 -18.39
N GLY A 166 12.34 -31.27 -18.32
CA GLY A 166 12.91 -29.96 -18.01
C GLY A 166 13.18 -29.85 -16.52
N VAL A 167 12.62 -30.76 -15.72
CA VAL A 167 12.89 -30.74 -14.24
C VAL A 167 14.32 -31.19 -13.92
N GLY A 168 15.03 -30.38 -13.13
CA GLY A 168 16.31 -30.72 -12.49
C GLY A 168 16.10 -30.90 -11.00
N ALA A 169 15.89 -32.13 -10.60
CA ALA A 169 15.62 -32.43 -9.17
C ALA A 169 16.93 -32.61 -8.44
N PHE A 170 16.93 -32.34 -7.12
CA PHE A 170 18.13 -32.41 -6.29
C PHE A 170 17.76 -32.72 -4.85
N ARG A 171 18.79 -33.11 -4.13
CA ARG A 171 18.78 -33.43 -2.69
C ARG A 171 19.85 -32.55 -2.05
N LEU A 172 19.56 -32.09 -0.85
CA LEU A 172 20.54 -31.28 -0.14
C LEU A 172 20.58 -31.79 1.29
N ARG A 173 21.64 -32.52 1.67
CA ARG A 173 21.77 -32.95 3.09
C ARG A 173 22.33 -31.77 3.86
N VAL A 174 21.61 -31.40 4.90
CA VAL A 174 21.94 -30.20 5.70
C VAL A 174 23.13 -30.52 6.62
N ALA A 175 24.31 -29.94 6.34
CA ALA A 175 25.51 -30.03 7.20
C ALA A 175 25.48 -28.96 8.30
N GLU A 176 24.90 -27.80 7.98
CA GLU A 176 24.93 -26.58 8.80
C GLU A 176 23.58 -25.88 8.61
N ALA A 177 23.00 -25.43 9.72
CA ALA A 177 21.76 -24.60 9.66
C ALA A 177 21.90 -23.43 10.63
N ASP A 178 21.67 -22.22 10.14
CA ASP A 178 21.77 -21.01 10.97
C ASP A 178 20.47 -20.24 10.77
N GLY A 179 19.99 -19.63 11.82
CA GLY A 179 18.71 -18.94 11.88
C GLY A 179 18.87 -17.57 12.46
N MET A 180 18.47 -16.55 11.70
CA MET A 180 18.38 -15.15 12.17
C MET A 180 16.93 -14.82 12.49
N PHE A 181 16.62 -14.59 13.77
CA PHE A 181 15.29 -14.17 14.23
C PHE A 181 15.42 -12.79 14.83
N LYS A 182 15.48 -11.78 13.96
CA LYS A 182 15.71 -10.39 14.38
C LYS A 182 14.33 -9.76 14.69
N LEU A 183 14.00 -9.68 16.00
CA LEU A 183 12.63 -9.46 16.48
C LEU A 183 12.69 -8.55 17.71
N SER A 184 13.54 -7.53 17.67
CA SER A 184 13.65 -6.45 18.66
C SER A 184 14.13 -7.00 20.03
N GLN A 185 14.75 -8.16 20.09
CA GLN A 185 15.25 -8.73 21.37
C GLN A 185 16.29 -7.82 22.02
N GLU A 186 16.97 -6.97 21.25
CA GLU A 186 17.99 -5.99 21.75
C GLU A 186 17.33 -4.84 22.53
N GLN A 187 16.02 -4.57 22.33
CA GLN A 187 15.36 -3.42 23.00
C GLN A 187 14.97 -3.82 24.43
N GLN A 188 14.73 -2.82 25.26
CA GLN A 188 14.18 -3.02 26.62
C GLN A 188 12.77 -3.59 26.49
N PRO A 189 12.26 -4.35 27.48
CA PRO A 189 10.96 -4.99 27.35
C PRO A 189 9.77 -4.10 26.98
N ALA A 190 9.67 -2.91 27.58
CA ALA A 190 8.58 -1.94 27.31
C ALA A 190 8.63 -1.53 25.82
N ILE A 191 9.82 -1.38 25.25
CA ILE A 191 9.99 -0.95 23.83
C ILE A 191 9.64 -2.15 22.93
N ARG A 192 10.07 -3.35 23.28
CA ARG A 192 9.71 -4.59 22.54
C ARG A 192 8.19 -4.72 22.47
N ARG A 193 7.50 -4.49 23.58
CA ARG A 193 6.01 -4.56 23.63
C ARG A 193 5.41 -3.52 22.68
N ARG A 194 5.98 -2.31 22.61
CA ARG A 194 5.45 -1.23 21.75
C ARG A 194 5.58 -1.67 20.28
N VAL A 195 6.71 -2.28 19.93
CA VAL A 195 6.91 -2.75 18.52
C VAL A 195 5.90 -3.86 18.22
N ARG A 196 5.76 -4.82 19.12
CA ARG A 196 4.84 -5.95 18.94
C ARG A 196 3.41 -5.42 18.75
N HIS A 197 2.96 -4.50 19.60
CA HIS A 197 1.58 -3.96 19.49
C HIS A 197 1.43 -3.19 18.17
N SER A 198 2.44 -2.41 17.78
CA SER A 198 2.38 -1.66 16.51
C SER A 198 2.24 -2.66 15.35
N PHE A 199 3.02 -3.75 15.32
CA PHE A 199 2.98 -4.74 14.20
C PHE A 199 1.65 -5.52 14.21
N GLY A 200 1.00 -5.67 15.35
CA GLY A 200 -0.31 -6.35 15.44
C GLY A 200 -1.43 -5.53 14.87
N GLY A 201 -1.21 -4.24 14.55
CA GLY A 201 -2.25 -3.31 14.09
C GLY A 201 -2.38 -3.26 12.57
N ALA A 202 -1.67 -4.10 11.84
CA ALA A 202 -1.81 -4.17 10.34
C ALA A 202 -1.51 -5.57 9.88
N GLU A 203 -2.31 -6.06 8.94
CA GLU A 203 -2.14 -7.43 8.44
C GLU A 203 -0.71 -7.62 7.89
N ALA A 204 -0.12 -6.62 7.25
CA ALA A 204 1.21 -6.74 6.60
C ALA A 204 2.28 -7.12 7.61
N THR A 205 2.09 -6.78 8.89
CA THR A 205 3.13 -6.94 9.94
C THR A 205 2.68 -7.93 11.02
N ARG A 206 1.49 -8.49 10.92
CA ARG A 206 0.91 -9.35 11.98
C ARG A 206 1.77 -10.61 12.19
N ALA A 207 2.35 -11.18 11.13
CA ALA A 207 3.17 -12.41 11.22
C ALA A 207 4.41 -12.13 12.06
N VAL A 208 5.00 -10.95 11.92
CA VAL A 208 6.19 -10.57 12.73
C VAL A 208 5.73 -10.45 14.18
N ALA A 209 4.59 -9.78 14.42
CA ALA A 209 4.05 -9.64 15.79
C ALA A 209 3.82 -11.02 16.39
N GLY A 210 3.31 -11.97 15.61
CA GLY A 210 3.06 -13.36 16.02
C GLY A 210 4.34 -14.02 16.53
N LEU A 211 5.44 -13.89 15.79
CA LEU A 211 6.73 -14.45 16.24
C LEU A 211 7.18 -13.74 17.51
N MET A 212 7.06 -12.41 17.57
CA MET A 212 7.49 -11.66 18.78
C MET A 212 6.69 -12.11 19.99
N ASP A 213 5.42 -12.44 19.81
CA ASP A 213 4.54 -12.88 20.90
C ASP A 213 4.98 -14.26 21.42
N ARG A 214 5.64 -15.08 20.61
CA ARG A 214 6.08 -16.46 20.97
C ARG A 214 7.49 -16.49 21.55
N LEU A 215 8.20 -15.36 21.64
CA LEU A 215 9.53 -15.33 22.29
C LEU A 215 9.32 -15.46 23.79
N PRO A 216 10.27 -16.10 24.51
CA PRO A 216 10.15 -16.33 25.96
C PRO A 216 9.75 -15.10 26.78
N ALA B 5 23.55 -13.45 -16.33
CA ALA B 5 24.05 -14.00 -15.02
C ALA B 5 22.87 -14.46 -14.14
N MET B 6 21.67 -13.93 -14.36
CA MET B 6 20.43 -14.49 -13.76
C MET B 6 19.60 -15.09 -14.90
N PHE B 7 19.09 -16.30 -14.72
CA PHE B 7 18.24 -16.91 -15.77
C PHE B 7 16.80 -16.41 -15.63
N VAL B 8 16.32 -15.67 -16.61
CA VAL B 8 14.91 -15.20 -16.62
C VAL B 8 14.27 -15.63 -17.92
N PRO B 9 13.31 -16.58 -17.89
CA PRO B 9 12.55 -16.93 -19.08
C PRO B 9 11.88 -15.70 -19.71
N GLY B 10 11.84 -15.65 -21.04
CA GLY B 10 11.31 -14.50 -21.81
C GLY B 10 10.03 -13.91 -21.27
N PRO B 11 8.98 -14.73 -20.96
CA PRO B 11 7.69 -14.21 -20.54
C PRO B 11 7.76 -13.51 -19.18
N TYR B 12 8.85 -13.68 -18.44
CA TYR B 12 8.94 -13.14 -17.05
C TYR B 12 9.81 -11.88 -17.02
N HIS B 13 10.15 -11.32 -18.19
CA HIS B 13 10.88 -10.02 -18.21
C HIS B 13 9.93 -8.90 -17.83
N ALA B 14 10.44 -7.92 -17.09
CA ALA B 14 9.64 -6.71 -16.81
C ALA B 14 9.30 -6.04 -18.14
N PRO B 15 8.12 -5.41 -18.24
CA PRO B 15 7.79 -4.61 -19.43
C PRO B 15 8.70 -3.38 -19.60
N GLU B 16 9.24 -2.80 -18.52
CA GLU B 16 10.10 -1.59 -18.56
C GLU B 16 11.24 -1.74 -17.54
N ASP B 17 12.40 -1.15 -17.83
CA ASP B 17 13.55 -1.14 -16.91
C ASP B 17 13.14 -0.57 -15.55
N ARG B 18 12.21 0.37 -15.52
CA ARG B 18 11.82 1.07 -14.26
C ARG B 18 11.26 0.08 -13.24
N TRP B 19 10.71 -1.05 -13.70
CA TRP B 19 10.14 -2.06 -12.76
C TRP B 19 11.25 -2.57 -11.84
N LEU B 20 12.46 -2.72 -12.36
CA LEU B 20 13.56 -3.29 -11.54
C LEU B 20 13.92 -2.27 -10.48
N VAL B 21 13.96 -0.97 -10.84
CA VAL B 21 14.28 0.11 -9.87
C VAL B 21 13.19 0.14 -8.80
N ASP B 22 11.91 0.08 -9.20
CA ASP B 22 10.74 0.09 -8.28
C ASP B 22 10.83 -1.07 -7.27
N LEU B 23 11.27 -2.24 -7.72
CA LEU B 23 11.38 -3.40 -6.80
C LEU B 23 12.50 -3.13 -5.78
N VAL B 24 13.66 -2.63 -6.23
CA VAL B 24 14.80 -2.32 -5.31
C VAL B 24 14.32 -1.30 -4.30
N ARG B 25 13.65 -0.25 -4.74
CA ARG B 25 13.18 0.78 -3.75
C ARG B 25 12.16 0.20 -2.78
N GLY B 26 11.29 -0.68 -3.23
CA GLY B 26 10.19 -1.20 -2.40
C GLY B 26 10.63 -2.31 -1.45
N HIS B 27 11.83 -2.90 -1.65
CA HIS B 27 12.30 -4.12 -0.95
C HIS B 27 13.79 -4.00 -0.66
N PRO B 28 14.18 -2.99 0.14
CA PRO B 28 15.61 -2.66 0.33
C PRO B 28 16.44 -3.65 1.12
N LEU B 29 15.82 -4.53 1.92
CA LEU B 29 16.61 -5.53 2.66
C LEU B 29 16.95 -6.68 1.71
N ALA B 30 18.12 -6.54 1.10
CA ALA B 30 18.65 -7.41 0.04
C ALA B 30 19.42 -8.56 0.67
N GLN B 31 19.54 -9.66 -0.03
CA GLN B 31 20.52 -10.71 0.32
C GLN B 31 21.78 -10.44 -0.50
N LEU B 32 22.84 -10.07 0.17
CA LEU B 32 24.14 -9.80 -0.47
C LEU B 32 24.92 -11.11 -0.47
N ALA B 33 25.29 -11.60 -1.65
CA ALA B 33 26.06 -12.86 -1.76
C ALA B 33 27.45 -12.60 -2.35
N SER B 34 28.43 -13.30 -1.80
CA SER B 34 29.78 -13.39 -2.40
C SER B 34 30.35 -14.81 -2.27
N ASN B 35 31.33 -15.13 -3.11
CA ASN B 35 31.86 -16.51 -3.18
C ASN B 35 32.49 -16.93 -1.85
N GLY B 36 32.32 -18.22 -1.52
CA GLY B 36 32.93 -18.84 -0.34
C GLY B 36 34.35 -19.25 -0.75
N ALA B 37 35.31 -19.09 0.13
CA ALA B 37 36.73 -19.41 -0.16
C ALA B 37 36.86 -20.93 -0.16
N GLY B 38 37.67 -21.45 -1.09
CA GLY B 38 38.08 -22.86 -1.15
C GLY B 38 36.90 -23.75 -1.49
N GLY B 39 36.08 -23.32 -2.45
CA GLY B 39 34.86 -24.02 -2.92
C GLY B 39 33.79 -24.16 -1.84
N ALA B 40 33.87 -23.43 -0.74
CA ALA B 40 32.80 -23.39 0.28
C ALA B 40 31.58 -22.64 -0.31
N ALA B 41 30.40 -22.88 0.25
CA ALA B 41 29.17 -22.20 -0.17
C ALA B 41 29.37 -20.68 -0.05
N PRO B 42 28.67 -19.89 -0.86
CA PRO B 42 28.65 -18.45 -0.68
C PRO B 42 28.34 -17.96 0.75
N HIS B 43 28.89 -16.78 1.07
CA HIS B 43 28.48 -15.91 2.20
C HIS B 43 27.22 -15.15 1.78
N ILE B 44 26.23 -15.09 2.67
CA ILE B 44 24.90 -14.43 2.49
C ILE B 44 24.65 -13.54 3.69
N THR B 45 24.43 -12.24 3.46
CA THR B 45 24.03 -11.34 4.56
C THR B 45 22.87 -10.50 4.09
N HIS B 46 21.86 -10.39 4.95
CA HIS B 46 20.70 -9.48 4.75
C HIS B 46 21.15 -8.05 5.07
N VAL B 47 21.15 -7.19 4.08
CA VAL B 47 21.66 -5.80 4.23
C VAL B 47 20.70 -4.81 3.60
N PRO B 48 20.57 -3.59 4.17
CA PRO B 48 19.75 -2.51 3.63
C PRO B 48 20.52 -1.77 2.54
N ILE B 49 20.01 -1.86 1.31
CA ILE B 49 20.61 -1.24 0.12
C ILE B 49 19.63 -0.24 -0.47
N ILE B 50 20.15 0.95 -0.78
CA ILE B 50 19.37 2.01 -1.47
C ILE B 50 20.07 2.45 -2.76
N VAL B 51 19.30 3.08 -3.62
CA VAL B 51 19.85 3.80 -4.81
C VAL B 51 20.60 5.08 -4.36
N ASP B 52 21.75 5.33 -4.98
CA ASP B 52 22.55 6.58 -4.83
C ASP B 52 21.64 7.79 -4.60
N PRO B 53 21.60 8.35 -3.37
CA PRO B 53 20.64 9.42 -3.07
C PRO B 53 20.98 10.75 -3.74
N GLU B 54 22.17 10.83 -4.35
CA GLU B 54 22.67 12.06 -5.04
C GLU B 54 22.14 12.11 -6.48
N LEU B 55 21.49 11.06 -6.97
CA LEU B 55 20.87 11.07 -8.32
C LEU B 55 19.61 11.93 -8.21
N ASP B 56 19.59 13.03 -8.95
CA ASP B 56 18.39 13.87 -9.16
C ASP B 56 17.85 13.42 -10.53
N GLY B 57 16.52 13.44 -10.67
CA GLY B 57 15.82 13.11 -11.91
C GLY B 57 15.38 11.65 -11.88
N PRO B 58 14.42 11.25 -12.74
CA PRO B 58 13.90 9.89 -12.69
C PRO B 58 15.03 8.86 -12.90
N VAL B 59 15.04 7.83 -12.07
CA VAL B 59 16.02 6.72 -12.21
C VAL B 59 15.27 5.60 -12.91
N ASP B 60 15.52 5.43 -14.20
CA ASP B 60 14.74 4.46 -15.02
C ASP B 60 15.47 3.13 -15.12
N ARG B 61 16.79 3.10 -14.92
CA ARG B 61 17.63 1.90 -15.17
C ARG B 61 18.59 1.71 -13.99
N LEU B 62 18.84 0.46 -13.58
CA LEU B 62 19.83 0.15 -12.53
C LEU B 62 21.24 0.09 -13.12
N VAL B 63 21.41 -0.44 -14.34
CA VAL B 63 22.79 -0.58 -14.89
C VAL B 63 23.40 0.81 -15.01
N GLY B 64 24.59 0.94 -14.43
CA GLY B 64 25.39 2.17 -14.49
C GLY B 64 25.27 3.03 -13.24
N ILE B 65 24.34 2.75 -12.34
CA ILE B 65 24.22 3.55 -11.09
C ILE B 65 24.94 2.81 -9.96
N THR B 66 25.14 3.54 -8.87
CA THR B 66 25.78 3.01 -7.67
C THR B 66 24.70 2.82 -6.62
N LEU B 67 24.71 1.65 -6.01
CA LEU B 67 23.91 1.39 -4.80
C LEU B 67 24.79 1.58 -3.58
N TRP B 68 24.16 2.01 -2.46
CA TRP B 68 24.74 2.29 -1.12
C TRP B 68 24.16 1.30 -0.13
N GLY B 69 25.02 0.63 0.65
CA GLY B 69 24.62 -0.33 1.66
C GLY B 69 25.49 -0.26 2.90
N HIS B 70 25.10 -0.97 3.92
CA HIS B 70 25.97 -1.18 5.11
C HIS B 70 25.71 -2.54 5.70
N MET B 71 26.70 -3.00 6.44
CA MET B 71 26.60 -4.22 7.24
C MET B 71 27.42 -4.00 8.49
N ASN B 72 27.52 -5.04 9.29
CA ASN B 72 28.27 -5.03 10.56
C ASN B 72 29.74 -5.32 10.18
N ARG B 73 30.66 -4.43 10.50
CA ARG B 73 32.12 -4.71 10.28
C ARG B 73 32.58 -5.97 10.99
N ALA B 74 31.88 -6.41 12.04
CA ALA B 74 32.25 -7.59 12.85
C ALA B 74 31.66 -8.87 12.21
N ASN B 75 30.77 -8.73 11.25
CA ASN B 75 30.28 -9.87 10.42
C ASN B 75 31.49 -10.39 9.62
N PRO B 76 31.81 -11.70 9.72
CA PRO B 76 32.94 -12.25 8.95
C PRO B 76 32.79 -12.07 7.43
N HIS B 77 31.59 -11.79 6.94
CA HIS B 77 31.37 -11.53 5.49
C HIS B 77 32.16 -10.27 5.11
N TRP B 78 32.23 -9.30 5.98
CA TRP B 78 32.96 -8.03 5.68
C TRP B 78 34.45 -8.34 5.37
N ALA B 79 35.11 -9.11 6.21
CA ALA B 79 36.52 -9.51 5.95
C ALA B 79 36.62 -10.33 4.65
N ALA B 80 35.62 -11.18 4.35
CA ALA B 80 35.68 -12.14 3.25
C ALA B 80 35.55 -11.36 1.96
N LEU B 81 34.97 -10.17 1.98
CA LEU B 81 34.75 -9.45 0.70
C LEU B 81 36.11 -9.06 0.12
N GLY B 82 37.07 -8.77 0.99
CA GLY B 82 38.37 -8.26 0.53
C GLY B 82 38.11 -6.96 -0.20
N GLY B 83 38.93 -6.63 -1.19
CA GLY B 83 38.95 -5.27 -1.80
C GLY B 83 37.98 -5.15 -2.95
N ALA B 84 37.99 -6.10 -3.88
CA ALA B 84 37.40 -5.96 -5.22
C ALA B 84 36.44 -7.12 -5.52
N ALA B 85 35.55 -7.44 -4.56
CA ALA B 85 34.69 -8.65 -4.62
C ALA B 85 33.60 -8.44 -5.67
N ASN B 86 33.47 -9.41 -6.57
CA ASN B 86 32.30 -9.50 -7.48
C ASN B 86 31.12 -10.07 -6.70
N VAL B 87 30.07 -9.27 -6.57
CA VAL B 87 28.95 -9.65 -5.68
C VAL B 87 27.65 -9.66 -6.43
N VAL B 88 26.69 -10.36 -5.86
CA VAL B 88 25.27 -10.23 -6.28
C VAL B 88 24.44 -9.76 -5.10
N ALA B 89 23.48 -8.88 -5.36
CA ALA B 89 22.52 -8.46 -4.32
C ALA B 89 21.14 -8.75 -4.87
N THR B 90 20.38 -9.52 -4.12
CA THR B 90 19.07 -10.03 -4.54
C THR B 90 18.00 -9.35 -3.71
N PHE B 91 17.08 -8.73 -4.42
CA PHE B 91 15.89 -8.07 -3.86
C PHE B 91 14.67 -8.90 -4.24
N ALA B 92 13.86 -9.17 -3.26
CA ALA B 92 12.69 -10.06 -3.41
C ALA B 92 11.43 -9.28 -3.12
N GLY B 93 10.54 -9.19 -4.08
CA GLY B 93 9.23 -8.56 -3.90
C GLY B 93 8.05 -9.49 -3.62
N PRO B 94 6.83 -8.99 -3.94
CA PRO B 94 5.59 -9.74 -3.77
C PRO B 94 5.72 -11.15 -4.38
N ASN B 95 5.03 -12.09 -3.76
CA ASN B 95 5.06 -13.49 -4.20
C ASN B 95 3.84 -14.20 -3.66
N ALA B 96 3.45 -15.28 -4.32
CA ALA B 96 2.33 -16.12 -3.89
C ALA B 96 2.30 -17.45 -4.59
N TYR B 97 1.95 -18.47 -3.83
CA TYR B 97 1.65 -19.82 -4.35
C TYR B 97 0.43 -19.79 -5.27
N VAL B 98 0.58 -20.40 -6.45
CA VAL B 98 -0.49 -20.57 -7.46
C VAL B 98 -1.04 -22.01 -7.42
N SER B 99 -2.21 -22.17 -6.81
CA SER B 99 -2.99 -23.43 -6.82
C SER B 99 -3.62 -23.58 -8.20
N PRO B 100 -3.46 -24.72 -8.89
CA PRO B 100 -4.23 -24.94 -10.13
C PRO B 100 -5.74 -24.92 -9.94
N ALA B 101 -6.25 -24.97 -8.69
CA ALA B 101 -7.71 -24.90 -8.47
C ALA B 101 -8.20 -23.58 -9.09
N VAL B 102 -7.36 -22.55 -9.05
CA VAL B 102 -7.71 -21.17 -9.50
C VAL B 102 -7.89 -21.18 -11.02
N TYR B 103 -7.11 -22.00 -11.71
CA TYR B 103 -7.11 -22.06 -13.20
C TYR B 103 -8.47 -22.58 -13.69
N ARG B 104 -9.08 -23.48 -12.93
CA ARG B 104 -10.33 -24.22 -13.29
C ARG B 104 -10.09 -24.95 -14.60
N THR B 105 -8.86 -25.37 -14.88
CA THR B 105 -8.53 -26.12 -16.11
C THR B 105 -7.83 -27.41 -15.70
N ALA B 106 -7.70 -28.33 -16.64
CA ALA B 106 -7.04 -29.62 -16.35
C ALA B 106 -6.49 -30.14 -17.65
N PRO B 107 -5.34 -30.84 -17.65
CA PRO B 107 -4.48 -31.00 -16.49
C PRO B 107 -3.63 -29.74 -16.26
N ALA B 108 -2.93 -29.69 -15.13
CA ALA B 108 -2.12 -28.51 -14.73
C ALA B 108 -1.06 -28.91 -13.72
N ALA B 109 -0.17 -27.98 -13.41
CA ALA B 109 0.77 -28.14 -12.29
C ALA B 109 0.79 -26.82 -11.55
N PRO B 110 0.94 -26.82 -10.23
CA PRO B 110 1.09 -25.57 -9.50
C PRO B 110 2.40 -24.85 -9.83
N THR B 111 2.48 -23.60 -9.38
CA THR B 111 3.76 -22.87 -9.38
C THR B 111 3.78 -21.82 -8.27
N TRP B 112 4.82 -21.02 -8.29
CA TRP B 112 4.92 -19.92 -7.31
C TRP B 112 5.20 -18.65 -8.10
N ASN B 113 4.30 -17.67 -8.04
CA ASN B 113 4.55 -16.36 -8.67
C ASN B 113 5.46 -15.61 -7.73
N PHE B 114 6.45 -14.92 -8.25
CA PHE B 114 7.36 -14.14 -7.42
C PHE B 114 8.06 -13.11 -8.27
N THR B 115 8.64 -12.17 -7.56
CA THR B 115 9.40 -11.02 -8.13
C THR B 115 10.79 -10.99 -7.53
N SER B 116 11.81 -10.89 -8.36
CA SER B 116 13.20 -10.80 -7.89
C SER B 116 13.94 -9.80 -8.75
N VAL B 117 14.84 -9.03 -8.15
CA VAL B 117 15.90 -8.33 -8.91
C VAL B 117 17.25 -8.83 -8.38
N GLN B 118 18.13 -9.22 -9.27
CA GLN B 118 19.52 -9.55 -9.00
C GLN B 118 20.41 -8.50 -9.65
N VAL B 119 21.12 -7.77 -8.82
CA VAL B 119 22.17 -6.82 -9.33
C VAL B 119 23.56 -7.38 -9.06
N ARG B 120 24.43 -7.21 -10.05
CA ARG B 120 25.81 -7.71 -9.92
C ARG B 120 26.79 -6.57 -10.25
N GLY B 121 27.87 -6.60 -9.48
CA GLY B 121 29.05 -5.76 -9.77
C GLY B 121 30.06 -5.83 -8.67
N GLU B 122 30.99 -4.85 -8.72
CA GLU B 122 32.10 -4.78 -7.79
C GLU B 122 31.65 -4.07 -6.52
N LEU B 123 31.92 -4.66 -5.37
CA LEU B 123 31.65 -4.02 -4.09
C LEU B 123 32.93 -3.29 -3.65
N ARG B 124 32.79 -2.01 -3.35
CA ARG B 124 33.90 -1.19 -2.77
C ARG B 124 33.53 -0.85 -1.31
N LYS B 125 34.40 -1.20 -0.39
CA LYS B 125 34.24 -0.81 1.04
C LYS B 125 34.56 0.67 1.19
N VAL B 126 33.70 1.37 1.91
CA VAL B 126 33.84 2.78 2.33
C VAL B 126 34.66 2.77 3.62
N GLU B 127 35.75 3.54 3.66
CA GLU B 127 36.51 3.69 4.93
C GLU B 127 36.25 5.05 5.57
N SER B 128 35.98 6.06 4.75
CA SER B 128 35.75 7.46 5.21
C SER B 128 34.65 7.52 6.26
N ALA B 129 34.90 8.12 7.43
CA ALA B 129 33.85 8.33 8.44
C ALA B 129 32.75 9.24 7.86
N ASP B 130 33.08 10.26 7.06
CA ASP B 130 32.05 11.15 6.45
C ASP B 130 31.12 10.33 5.55
N ASP B 131 31.68 9.52 4.65
CA ASP B 131 30.90 8.71 3.69
C ASP B 131 30.07 7.63 4.43
N THR B 132 30.59 7.07 5.53
CA THR B 132 29.88 6.05 6.32
C THR B 132 28.63 6.70 6.94
N LEU B 133 28.82 7.83 7.59
CA LEU B 133 27.69 8.57 8.20
C LEU B 133 26.70 9.03 7.11
N ALA B 134 27.14 9.47 5.93
CA ALA B 134 26.24 9.79 4.81
C ALA B 134 25.38 8.56 4.43
N THR B 135 26.04 7.41 4.38
CA THR B 135 25.37 6.14 4.01
C THR B 135 24.19 5.87 4.95
N VAL B 136 24.46 5.86 6.25
CA VAL B 136 23.38 5.46 7.19
C VAL B 136 22.32 6.57 7.25
N ARG B 137 22.70 7.84 7.17
CA ARG B 137 21.70 8.91 7.13
C ARG B 137 20.84 8.82 5.86
N ALA B 138 21.42 8.58 4.68
CA ALA B 138 20.63 8.42 3.46
C ALA B 138 19.66 7.22 3.56
N THR B 139 20.11 6.12 4.16
CA THR B 139 19.30 4.90 4.40
C THR B 139 18.10 5.27 5.26
N VAL B 140 18.32 6.00 6.35
CA VAL B 140 17.19 6.44 7.20
C VAL B 140 16.25 7.28 6.34
N ALA B 141 16.77 8.24 5.58
CA ALA B 141 15.93 9.18 4.78
C ALA B 141 15.03 8.38 3.83
N ALA B 142 15.60 7.40 3.14
CA ALA B 142 14.90 6.62 2.10
C ALA B 142 13.90 5.68 2.75
N LEU B 143 14.30 4.95 3.78
CA LEU B 143 13.44 3.90 4.37
C LEU B 143 12.38 4.54 5.28
N GLU B 144 12.72 5.52 6.09
CA GLU B 144 11.69 6.17 6.95
C GLU B 144 10.62 6.81 6.05
N SER B 145 11.00 7.38 4.90
CA SER B 145 10.02 7.95 3.96
C SER B 145 9.05 6.88 3.42
N ARG B 146 9.53 5.73 3.03
CA ARG B 146 8.74 4.73 2.30
C ARG B 146 8.01 3.80 3.27
N PHE B 147 8.55 3.53 4.46
CA PHE B 147 8.10 2.43 5.34
C PHE B 147 7.78 2.92 6.76
N GLY B 148 8.11 4.15 7.08
CA GLY B 148 8.07 4.57 8.49
C GLY B 148 6.89 5.48 8.80
N ALA B 149 7.13 6.41 9.72
CA ALA B 149 6.06 7.18 10.38
C ALA B 149 6.60 8.58 10.72
N GLY B 150 7.37 9.16 9.83
CA GLY B 150 7.79 10.57 9.92
C GLY B 150 8.81 10.81 11.02
N TRP B 151 9.55 9.80 11.46
CA TRP B 151 10.58 9.97 12.50
C TRP B 151 11.70 10.89 12.00
N ASP B 152 12.09 11.81 12.86
CA ASP B 152 13.11 12.85 12.55
C ASP B 152 14.41 12.38 13.19
N MET B 153 15.41 12.07 12.38
CA MET B 153 16.73 11.56 12.89
C MET B 153 17.57 12.67 13.55
N THR B 154 17.17 13.94 13.48
CA THR B 154 18.04 15.11 13.84
C THR B 154 18.56 14.91 15.27
N GLY B 155 17.68 14.63 16.21
CA GLY B 155 18.10 14.46 17.62
C GLY B 155 18.90 13.19 17.90
N SER B 156 19.11 12.32 16.91
CA SER B 156 19.84 11.05 17.12
C SER B 156 21.18 11.09 16.37
N LEU B 157 21.50 12.18 15.67
CA LEU B 157 22.78 12.24 14.89
C LEU B 157 24.01 12.04 15.81
N ASP B 158 24.04 12.56 17.03
CA ASP B 158 25.20 12.32 17.93
C ASP B 158 25.30 10.83 18.25
N TYR B 159 24.16 10.16 18.45
CA TYR B 159 24.09 8.71 18.72
C TYR B 159 24.66 7.98 17.49
N PHE B 160 24.27 8.41 16.30
CA PHE B 160 24.74 7.74 15.09
C PHE B 160 26.29 7.78 15.14
N ARG B 161 26.86 8.96 15.45
CA ARG B 161 28.33 9.12 15.39
C ARG B 161 28.96 8.22 16.44
N ARG B 162 28.31 8.08 17.59
CA ARG B 162 28.83 7.22 18.68
C ARG B 162 28.91 5.75 18.23
N ILE B 163 27.97 5.25 17.41
CA ILE B 163 27.95 3.81 17.05
C ILE B 163 28.55 3.58 15.65
N LEU B 164 28.86 4.64 14.93
CA LEU B 164 29.44 4.64 13.57
C LEU B 164 30.62 3.68 13.41
N PRO B 165 31.55 3.51 14.38
CA PRO B 165 32.72 2.65 14.12
C PRO B 165 32.39 1.20 13.72
N GLY B 166 31.21 0.70 14.10
CA GLY B 166 30.78 -0.68 13.79
C GLY B 166 30.27 -0.80 12.36
N VAL B 167 29.98 0.28 11.70
CA VAL B 167 29.37 0.25 10.36
C VAL B 167 30.43 -0.11 9.32
N GLY B 168 30.11 -1.12 8.50
CA GLY B 168 30.78 -1.41 7.24
C GLY B 168 29.93 -0.91 6.08
N ALA B 169 30.17 0.31 5.64
CA ALA B 169 29.42 0.91 4.53
C ALA B 169 30.06 0.46 3.25
N PHE B 170 29.26 0.35 2.20
CA PHE B 170 29.80 -0.03 0.88
C PHE B 170 29.06 0.66 -0.25
N ARG B 171 29.69 0.49 -1.41
CA ARG B 171 29.22 1.02 -2.70
C ARG B 171 29.24 -0.14 -3.69
N LEU B 172 28.13 -0.32 -4.40
CA LEU B 172 28.00 -1.40 -5.40
C LEU B 172 27.65 -0.74 -6.73
N ARG B 173 28.62 -0.71 -7.63
CA ARG B 173 28.51 -0.18 -9.01
C ARG B 173 27.82 -1.27 -9.84
N VAL B 174 26.62 -1.01 -10.31
CA VAL B 174 25.75 -2.04 -10.94
C VAL B 174 26.25 -2.22 -12.38
N ALA B 175 26.92 -3.35 -12.63
CA ALA B 175 27.37 -3.75 -13.98
C ALA B 175 26.27 -4.51 -14.74
N GLU B 176 25.50 -5.34 -14.03
CA GLU B 176 24.47 -6.25 -14.61
C GLU B 176 23.23 -6.15 -13.72
N ALA B 177 22.04 -6.11 -14.29
CA ALA B 177 20.79 -6.15 -13.50
C ALA B 177 19.77 -6.99 -14.25
N ASP B 178 19.18 -7.93 -13.54
CA ASP B 178 18.20 -8.90 -14.10
C ASP B 178 16.97 -8.85 -13.19
N GLY B 179 15.79 -8.95 -13.80
CA GLY B 179 14.51 -8.94 -13.06
C GLY B 179 13.60 -10.08 -13.48
N MET B 180 13.26 -10.93 -12.53
CA MET B 180 12.28 -12.02 -12.65
C MET B 180 10.93 -11.46 -12.24
N PHE B 181 9.99 -11.36 -13.19
CA PHE B 181 8.61 -10.98 -12.84
C PHE B 181 7.71 -12.17 -13.22
N LYS B 182 7.70 -13.18 -12.35
CA LYS B 182 7.04 -14.46 -12.66
C LYS B 182 5.60 -14.31 -12.24
N LEU B 183 4.74 -13.99 -13.20
CA LEU B 183 3.38 -13.47 -12.88
C LEU B 183 2.35 -14.11 -13.82
N SER B 184 2.47 -15.41 -14.08
CA SER B 184 1.48 -16.20 -14.85
C SER B 184 1.40 -15.76 -16.32
N GLN B 185 2.43 -15.08 -16.82
CA GLN B 185 2.48 -14.68 -18.26
C GLN B 185 2.48 -15.91 -19.19
N GLU B 186 2.94 -17.09 -18.73
CA GLU B 186 2.96 -18.37 -19.49
C GLU B 186 1.54 -18.89 -19.72
N GLN B 187 0.56 -18.52 -18.90
CA GLN B 187 -0.82 -19.02 -19.04
C GLN B 187 -1.56 -18.24 -20.13
N GLN B 188 -2.63 -18.83 -20.61
CA GLN B 188 -3.58 -18.18 -21.55
C GLN B 188 -4.27 -17.01 -20.84
N PRO B 189 -4.70 -15.96 -21.59
CA PRO B 189 -5.27 -14.74 -20.97
C PRO B 189 -6.41 -14.92 -19.97
N ALA B 190 -7.39 -15.77 -20.24
CA ALA B 190 -8.52 -16.02 -19.31
C ALA B 190 -8.00 -16.64 -18.02
N ILE B 191 -6.96 -17.47 -18.09
CA ILE B 191 -6.38 -18.11 -16.89
C ILE B 191 -5.63 -17.04 -16.08
N ARG B 192 -4.83 -16.20 -16.73
CA ARG B 192 -4.16 -15.06 -16.06
C ARG B 192 -5.20 -14.21 -15.32
N ARG B 193 -6.35 -13.98 -15.94
CA ARG B 193 -7.46 -13.21 -15.30
C ARG B 193 -7.98 -13.94 -14.08
N ARG B 194 -8.10 -15.28 -14.14
CA ARG B 194 -8.62 -16.04 -12.97
C ARG B 194 -7.62 -15.94 -11.82
N VAL B 195 -6.32 -16.03 -12.13
CA VAL B 195 -5.25 -15.92 -11.10
C VAL B 195 -5.32 -14.55 -10.47
N ARG B 196 -5.33 -13.50 -11.30
CA ARG B 196 -5.37 -12.09 -10.83
C ARG B 196 -6.58 -11.92 -9.92
N HIS B 197 -7.75 -12.43 -10.32
CA HIS B 197 -9.01 -12.23 -9.55
C HIS B 197 -8.86 -12.90 -8.20
N SER B 198 -8.30 -14.12 -8.22
CA SER B 198 -8.13 -14.94 -7.01
C SER B 198 -7.20 -14.25 -5.99
N PHE B 199 -6.16 -13.59 -6.45
CA PHE B 199 -5.17 -12.93 -5.56
C PHE B 199 -5.72 -11.59 -5.03
N GLY B 200 -6.68 -11.00 -5.74
CA GLY B 200 -7.38 -9.77 -5.32
C GLY B 200 -8.08 -9.89 -3.97
N GLY B 201 -8.47 -11.09 -3.56
CA GLY B 201 -9.43 -11.29 -2.46
C GLY B 201 -8.76 -11.49 -1.11
N ALA B 202 -7.45 -11.26 -1.00
CA ALA B 202 -6.71 -11.50 0.26
C ALA B 202 -5.48 -10.62 0.36
N GLU B 203 -5.15 -10.11 1.55
CA GLU B 203 -3.98 -9.22 1.74
C GLU B 203 -2.65 -9.85 1.30
N ALA B 204 -2.45 -11.16 1.56
CA ALA B 204 -1.19 -11.89 1.36
C ALA B 204 -0.81 -11.83 -0.13
N THR B 205 -1.80 -11.66 -0.98
CA THR B 205 -1.67 -11.84 -2.46
C THR B 205 -2.05 -10.59 -3.26
N ARG B 206 -2.53 -9.51 -2.61
CA ARG B 206 -2.99 -8.32 -3.36
C ARG B 206 -1.87 -7.60 -4.12
N ALA B 207 -0.64 -7.58 -3.59
CA ALA B 207 0.49 -6.90 -4.23
C ALA B 207 0.88 -7.66 -5.50
N VAL B 208 0.75 -8.99 -5.50
CA VAL B 208 0.97 -9.79 -6.73
C VAL B 208 -0.11 -9.42 -7.75
N ALA B 209 -1.39 -9.42 -7.33
CA ALA B 209 -2.53 -9.06 -8.20
C ALA B 209 -2.27 -7.65 -8.80
N GLY B 210 -1.76 -6.74 -7.97
CA GLY B 210 -1.40 -5.36 -8.36
C GLY B 210 -0.42 -5.36 -9.51
N LEU B 211 0.64 -6.17 -9.43
CA LEU B 211 1.62 -6.20 -10.54
C LEU B 211 1.02 -6.86 -11.79
N MET B 212 0.24 -7.95 -11.61
CA MET B 212 -0.40 -8.66 -12.74
C MET B 212 -1.30 -7.67 -13.50
N ASP B 213 -1.95 -6.78 -12.78
CA ASP B 213 -2.83 -5.71 -13.33
C ASP B 213 -2.02 -4.74 -14.20
N ARG B 214 -0.76 -4.50 -13.89
CA ARG B 214 0.08 -3.49 -14.59
C ARG B 214 0.80 -4.07 -15.79
N LEU B 215 0.70 -5.38 -16.07
CA LEU B 215 1.35 -5.93 -17.28
C LEU B 215 0.59 -5.46 -18.51
N PRO B 216 1.26 -5.17 -19.64
CA PRO B 216 0.58 -4.64 -20.84
C PRO B 216 -0.72 -5.38 -21.22
N GLY C 4 -24.39 13.06 -19.17
CA GLY C 4 -23.61 12.74 -17.93
C GLY C 4 -24.13 13.48 -16.70
N ALA C 5 -24.39 12.76 -15.61
CA ALA C 5 -24.83 13.32 -14.30
C ALA C 5 -23.61 13.84 -13.53
N MET C 6 -22.40 13.39 -13.88
CA MET C 6 -21.14 13.96 -13.36
C MET C 6 -20.37 14.58 -14.53
N PHE C 7 -19.87 15.80 -14.39
CA PHE C 7 -19.07 16.46 -15.46
C PHE C 7 -17.63 15.94 -15.39
N VAL C 8 -17.22 15.18 -16.41
CA VAL C 8 -15.84 14.61 -16.53
C VAL C 8 -15.33 14.91 -17.92
N PRO C 9 -14.37 15.83 -18.05
CA PRO C 9 -13.73 16.07 -19.33
C PRO C 9 -13.13 14.77 -19.90
N GLY C 10 -13.24 14.61 -21.22
CA GLY C 10 -12.76 13.41 -21.94
C GLY C 10 -11.39 12.91 -21.48
N PRO C 11 -10.38 13.80 -21.31
CA PRO C 11 -9.02 13.38 -20.97
C PRO C 11 -8.93 12.75 -19.57
N TYR C 12 -9.94 12.97 -18.72
CA TYR C 12 -9.90 12.46 -17.32
C TYR C 12 -10.80 11.25 -17.13
N HIS C 13 -11.26 10.65 -18.22
CA HIS C 13 -11.94 9.34 -18.18
C HIS C 13 -10.96 8.22 -17.83
N ALA C 14 -11.40 7.22 -17.05
CA ALA C 14 -10.55 6.04 -16.72
C ALA C 14 -10.21 5.32 -18.01
N PRO C 15 -9.01 4.73 -18.14
CA PRO C 15 -8.72 3.91 -19.33
C PRO C 15 -9.61 2.65 -19.42
N GLU C 16 -10.15 2.17 -18.31
CA GLU C 16 -11.00 0.94 -18.28
C GLU C 16 -12.06 1.10 -17.19
N ASP C 17 -13.21 0.46 -17.35
CA ASP C 17 -14.32 0.48 -16.36
C ASP C 17 -13.83 -0.03 -14.98
N ARG C 18 -12.92 -1.00 -14.98
CA ARG C 18 -12.47 -1.65 -13.71
C ARG C 18 -11.83 -0.61 -12.76
N TRP C 19 -11.30 0.51 -13.29
CA TRP C 19 -10.65 1.55 -12.44
C TRP C 19 -11.69 2.10 -11.47
N LEU C 20 -12.92 2.26 -11.91
CA LEU C 20 -14.02 2.81 -11.06
C LEU C 20 -14.32 1.81 -9.96
N VAL C 21 -14.36 0.50 -10.26
CA VAL C 21 -14.60 -0.55 -9.23
C VAL C 21 -13.45 -0.54 -8.21
N ASP C 22 -12.20 -0.47 -8.70
CA ASP C 22 -10.99 -0.41 -7.86
C ASP C 22 -11.10 0.77 -6.90
N LEU C 23 -11.57 1.92 -7.37
CA LEU C 23 -11.61 3.11 -6.47
C LEU C 23 -12.65 2.85 -5.41
N VAL C 24 -13.83 2.30 -5.78
CA VAL C 24 -14.90 2.00 -4.77
C VAL C 24 -14.34 1.04 -3.71
N ARG C 25 -13.66 0.00 -4.11
CA ARG C 25 -13.10 -0.99 -3.15
C ARG C 25 -12.01 -0.35 -2.30
N GLY C 26 -11.19 0.57 -2.85
CA GLY C 26 -10.05 1.15 -2.13
C GLY C 26 -10.46 2.21 -1.14
N HIS C 27 -11.68 2.78 -1.30
CA HIS C 27 -12.11 4.02 -0.61
C HIS C 27 -13.59 3.93 -0.25
N PRO C 28 -13.95 2.93 0.60
CA PRO C 28 -15.36 2.64 0.85
C PRO C 28 -16.15 3.65 1.67
N LEU C 29 -15.49 4.56 2.38
CA LEU C 29 -16.24 5.55 3.17
C LEU C 29 -16.66 6.63 2.16
N ALA C 30 -17.89 6.47 1.66
CA ALA C 30 -18.50 7.29 0.61
C ALA C 30 -19.23 8.47 1.26
N GLN C 31 -19.36 9.58 0.53
CA GLN C 31 -20.34 10.62 0.86
C GLN C 31 -21.65 10.32 0.13
N LEU C 32 -22.66 9.97 0.90
CA LEU C 32 -24.02 9.68 0.34
C LEU C 32 -24.78 10.99 0.34
N ALA C 33 -25.24 11.46 -0.82
CA ALA C 33 -26.01 12.72 -0.90
C ALA C 33 -27.43 12.44 -1.46
N SER C 34 -28.39 13.13 -0.88
CA SER C 34 -29.77 13.13 -1.40
C SER C 34 -30.33 14.55 -1.28
N ASN C 35 -31.34 14.85 -2.08
CA ASN C 35 -31.93 16.21 -2.13
C ASN C 35 -32.47 16.65 -0.76
N GLY C 36 -32.28 17.92 -0.44
CA GLY C 36 -32.83 18.55 0.76
C GLY C 36 -34.25 18.95 0.43
N ALA C 37 -35.16 18.86 1.39
CA ALA C 37 -36.60 19.16 1.20
C ALA C 37 -36.77 20.68 1.17
N GLY C 38 -37.67 21.19 0.34
CA GLY C 38 -38.03 22.62 0.25
C GLY C 38 -36.87 23.45 -0.28
N GLY C 39 -36.20 22.98 -1.33
CA GLY C 39 -34.98 23.61 -1.90
C GLY C 39 -33.87 23.84 -0.88
N ALA C 40 -33.88 23.14 0.26
CA ALA C 40 -32.73 23.17 1.21
C ALA C 40 -31.55 22.42 0.56
N ALA C 41 -30.35 22.64 1.09
CA ALA C 41 -29.11 21.98 0.63
C ALA C 41 -29.29 20.47 0.81
N PRO C 42 -28.63 19.66 -0.04
CA PRO C 42 -28.61 18.22 0.19
C PRO C 42 -28.15 17.77 1.58
N HIS C 43 -28.68 16.61 2.00
CA HIS C 43 -28.16 15.79 3.11
C HIS C 43 -26.91 15.09 2.58
N ILE C 44 -25.89 15.04 3.41
CA ILE C 44 -24.58 14.37 3.13
C ILE C 44 -24.25 13.53 4.36
N THR C 45 -24.08 12.24 4.20
CA THR C 45 -23.57 11.37 5.28
C THR C 45 -22.41 10.53 4.78
N HIS C 46 -21.35 10.44 5.57
CA HIS C 46 -20.22 9.53 5.34
C HIS C 46 -20.62 8.11 5.76
N VAL C 47 -20.70 7.20 4.80
CA VAL C 47 -21.21 5.82 5.00
C VAL C 47 -20.27 4.83 4.34
N PRO C 48 -20.07 3.65 4.96
CA PRO C 48 -19.28 2.57 4.37
C PRO C 48 -20.11 1.80 3.34
N ILE C 49 -19.59 1.74 2.11
CA ILE C 49 -20.33 1.13 0.98
C ILE C 49 -19.38 0.13 0.33
N ILE C 50 -19.90 -1.09 0.13
CA ILE C 50 -19.18 -2.19 -0.57
C ILE C 50 -19.98 -2.68 -1.80
N VAL C 51 -19.25 -3.29 -2.69
CA VAL C 51 -19.85 -4.04 -3.84
C VAL C 51 -20.56 -5.28 -3.27
N ASP C 52 -21.76 -5.58 -3.80
CA ASP C 52 -22.55 -6.80 -3.53
C ASP C 52 -21.62 -7.98 -3.30
N PRO C 53 -21.50 -8.50 -2.07
CA PRO C 53 -20.54 -9.57 -1.80
C PRO C 53 -20.90 -10.92 -2.42
N GLU C 54 -22.13 -11.06 -2.95
CA GLU C 54 -22.64 -12.34 -3.55
C GLU C 54 -22.16 -12.44 -5.00
N LEU C 55 -21.64 -11.37 -5.58
CA LEU C 55 -21.04 -11.45 -6.94
C LEU C 55 -19.75 -12.27 -6.80
N ASP C 56 -19.75 -13.46 -7.40
CA ASP C 56 -18.53 -14.27 -7.64
C ASP C 56 -18.02 -13.85 -9.03
N GLY C 57 -16.70 -13.83 -9.19
CA GLY C 57 -16.05 -13.50 -10.48
C GLY C 57 -15.71 -12.02 -10.55
N PRO C 58 -14.82 -11.61 -11.47
CA PRO C 58 -14.35 -10.23 -11.53
C PRO C 58 -15.55 -9.31 -11.79
N VAL C 59 -15.60 -8.21 -11.05
CA VAL C 59 -16.58 -7.11 -11.26
C VAL C 59 -15.84 -6.04 -12.05
N ASP C 60 -16.14 -5.95 -13.33
CA ASP C 60 -15.43 -5.06 -14.29
C ASP C 60 -16.14 -3.72 -14.44
N ARG C 61 -17.44 -3.65 -14.12
CA ARG C 61 -18.29 -2.45 -14.31
C ARG C 61 -19.17 -2.24 -13.07
N LEU C 62 -19.39 -0.99 -12.70
CA LEU C 62 -20.33 -0.62 -11.62
C LEU C 62 -21.77 -0.58 -12.11
N VAL C 63 -22.05 -0.15 -13.35
CA VAL C 63 -23.45 0.02 -13.81
C VAL C 63 -24.08 -1.37 -13.82
N GLY C 64 -25.25 -1.48 -13.23
CA GLY C 64 -26.03 -2.72 -13.18
C GLY C 64 -25.76 -3.55 -11.95
N ILE C 65 -24.76 -3.26 -11.12
CA ILE C 65 -24.57 -4.00 -9.83
C ILE C 65 -25.25 -3.24 -8.71
N THR C 66 -25.40 -3.92 -7.56
CA THR C 66 -25.98 -3.33 -6.34
C THR C 66 -24.84 -3.10 -5.36
N LEU C 67 -24.83 -1.91 -4.76
CA LEU C 67 -23.90 -1.62 -3.64
C LEU C 67 -24.69 -1.78 -2.35
N TRP C 68 -23.99 -2.20 -1.29
CA TRP C 68 -24.50 -2.37 0.09
C TRP C 68 -23.85 -1.33 0.98
N GLY C 69 -24.65 -0.72 1.84
CA GLY C 69 -24.15 0.21 2.86
C GLY C 69 -25.04 0.24 4.05
N HIS C 70 -24.60 0.95 5.09
CA HIS C 70 -25.44 1.28 6.26
C HIS C 70 -25.13 2.66 6.80
N MET C 71 -26.06 3.15 7.58
CA MET C 71 -25.95 4.42 8.31
C MET C 71 -26.68 4.22 9.63
N ASN C 72 -26.75 5.28 10.39
CA ASN C 72 -27.42 5.30 11.71
C ASN C 72 -28.91 5.60 11.45
N ARG C 73 -29.82 4.71 11.85
CA ARG C 73 -31.28 5.02 11.74
C ARG C 73 -31.61 6.32 12.41
N ALA C 74 -30.88 6.73 13.44
CA ALA C 74 -31.12 7.97 14.22
C ALA C 74 -30.65 9.21 13.46
N ASN C 75 -29.85 9.02 12.42
CA ASN C 75 -29.43 10.13 11.55
C ASN C 75 -30.69 10.62 10.83
N PRO C 76 -31.03 11.90 10.91
CA PRO C 76 -32.18 12.42 10.13
C PRO C 76 -32.14 12.15 8.63
N HIS C 77 -30.96 11.93 8.07
CA HIS C 77 -30.81 11.56 6.63
C HIS C 77 -31.62 10.28 6.35
N TRP C 78 -31.59 9.36 7.28
CA TRP C 78 -32.31 8.07 7.09
C TRP C 78 -33.81 8.38 6.86
N ALA C 79 -34.42 9.24 7.69
CA ALA C 79 -35.88 9.52 7.61
C ALA C 79 -36.15 10.29 6.32
N ALA C 80 -35.16 11.07 5.86
CA ALA C 80 -35.28 11.97 4.69
C ALA C 80 -35.19 11.16 3.42
N LEU C 81 -34.60 9.98 3.48
CA LEU C 81 -34.49 9.14 2.27
C LEU C 81 -35.87 8.62 1.88
N GLY C 82 -36.65 8.18 2.86
CA GLY C 82 -38.00 7.66 2.57
C GLY C 82 -37.94 6.57 1.51
N GLY C 83 -38.99 6.50 0.69
CA GLY C 83 -39.30 5.31 -0.11
C GLY C 83 -38.17 4.92 -1.03
N ALA C 84 -37.95 5.72 -2.08
CA ALA C 84 -37.19 5.33 -3.29
C ALA C 84 -36.36 6.54 -3.75
N ALA C 85 -35.53 7.06 -2.85
CA ALA C 85 -34.74 8.30 -3.11
C ALA C 85 -33.73 8.04 -4.23
N ASN C 86 -33.59 9.01 -5.14
CA ASN C 86 -32.51 9.04 -6.16
C ASN C 86 -31.28 9.66 -5.51
N VAL C 87 -30.20 8.91 -5.38
CA VAL C 87 -29.07 9.38 -4.54
C VAL C 87 -27.82 9.37 -5.39
N VAL C 88 -26.79 10.03 -4.88
CA VAL C 88 -25.40 9.88 -5.39
C VAL C 88 -24.54 9.46 -4.22
N ALA C 89 -23.62 8.55 -4.50
CA ALA C 89 -22.54 8.16 -3.57
C ALA C 89 -21.24 8.44 -4.27
N THR C 90 -20.45 9.26 -3.61
CA THR C 90 -19.16 9.74 -4.12
C THR C 90 -18.03 9.10 -3.34
N PHE C 91 -17.13 8.51 -4.08
CA PHE C 91 -15.91 7.86 -3.56
C PHE C 91 -14.70 8.65 -4.02
N ALA C 92 -13.90 9.04 -3.06
CA ALA C 92 -12.73 9.94 -3.32
C ALA C 92 -11.44 9.19 -3.06
N GLY C 93 -10.62 9.11 -4.08
CA GLY C 93 -9.32 8.44 -4.01
C GLY C 93 -8.14 9.35 -3.79
N PRO C 94 -6.94 8.83 -4.14
CA PRO C 94 -5.72 9.60 -4.05
C PRO C 94 -5.88 10.97 -4.73
N ASN C 95 -5.14 11.92 -4.17
CA ASN C 95 -5.18 13.32 -4.70
C ASN C 95 -3.92 14.04 -4.25
N ALA C 96 -3.53 15.07 -4.98
CA ALA C 96 -2.42 15.96 -4.56
C ALA C 96 -2.46 17.28 -5.33
N TYR C 97 -2.10 18.34 -4.64
CA TYR C 97 -1.87 19.67 -5.26
C TYR C 97 -0.73 19.60 -6.28
N VAL C 98 -0.95 20.18 -7.47
CA VAL C 98 0.07 20.29 -8.54
C VAL C 98 0.58 21.73 -8.58
N SER C 99 1.81 21.92 -8.15
CA SER C 99 2.54 23.20 -8.28
C SER C 99 3.10 23.36 -9.69
N PRO C 100 2.82 24.47 -10.40
CA PRO C 100 3.40 24.61 -11.74
C PRO C 100 4.93 24.65 -11.64
N ALA C 101 5.52 24.87 -10.44
CA ALA C 101 7.00 24.84 -10.35
C ALA C 101 7.50 23.48 -10.89
N VAL C 102 6.69 22.42 -10.81
CA VAL C 102 7.15 21.03 -11.11
C VAL C 102 7.18 20.94 -12.64
N TYR C 103 6.30 21.67 -13.32
CA TYR C 103 6.21 21.65 -14.83
C TYR C 103 7.48 22.21 -15.48
N ARG C 104 8.14 23.19 -14.87
CA ARG C 104 9.29 23.95 -15.43
C ARG C 104 8.88 24.58 -16.78
N THR C 105 7.65 25.08 -16.88
CA THR C 105 7.11 25.72 -18.10
C THR C 105 6.42 27.02 -17.70
N ALA C 106 6.21 27.89 -18.67
CA ALA C 106 5.54 29.18 -18.47
C ALA C 106 4.87 29.53 -19.78
N PRO C 107 3.65 30.10 -19.75
CA PRO C 107 2.91 30.31 -18.51
C PRO C 107 2.15 29.04 -18.11
N ALA C 108 1.60 29.06 -16.90
CA ALA C 108 0.90 27.88 -16.32
C ALA C 108 -0.08 28.33 -15.25
N ALA C 109 -0.91 27.41 -14.80
CA ALA C 109 -1.75 27.63 -13.60
C ALA C 109 -1.73 26.33 -12.80
N PRO C 110 -1.85 26.39 -11.46
CA PRO C 110 -1.83 25.19 -10.64
C PRO C 110 -3.12 24.42 -10.85
N THR C 111 -3.09 23.18 -10.39
CA THR C 111 -4.33 22.37 -10.34
C THR C 111 -4.27 21.42 -9.13
N TRP C 112 -5.32 20.64 -8.99
CA TRP C 112 -5.32 19.56 -7.99
C TRP C 112 -5.61 18.29 -8.74
N ASN C 113 -4.69 17.35 -8.71
CA ASN C 113 -4.96 16.04 -9.33
C ASN C 113 -5.79 15.26 -8.33
N PHE C 114 -6.81 14.54 -8.79
CA PHE C 114 -7.68 13.80 -7.86
C PHE C 114 -8.45 12.73 -8.60
N THR C 115 -8.97 11.80 -7.79
CA THR C 115 -9.74 10.64 -8.26
C THR C 115 -11.09 10.68 -7.59
N SER C 116 -12.14 10.51 -8.36
CA SER C 116 -13.50 10.47 -7.80
C SER C 116 -14.34 9.51 -8.64
N VAL C 117 -15.18 8.77 -7.96
CA VAL C 117 -16.27 7.98 -8.58
C VAL C 117 -17.57 8.46 -7.98
N GLN C 118 -18.51 8.77 -8.87
CA GLN C 118 -19.89 9.11 -8.52
C GLN C 118 -20.82 8.06 -9.10
N VAL C 119 -21.51 7.38 -8.21
CA VAL C 119 -22.56 6.40 -8.56
C VAL C 119 -23.93 6.98 -8.20
N ARG C 120 -24.85 6.81 -9.12
CA ARG C 120 -26.24 7.29 -8.94
C ARG C 120 -27.19 6.12 -9.16
N GLY C 121 -28.22 6.11 -8.33
CA GLY C 121 -29.38 5.24 -8.52
C GLY C 121 -30.37 5.38 -7.40
N GLU C 122 -31.26 4.38 -7.33
CA GLU C 122 -32.36 4.34 -6.35
C GLU C 122 -31.83 3.70 -5.07
N LEU C 123 -32.04 4.33 -3.94
CA LEU C 123 -31.67 3.73 -2.66
C LEU C 123 -32.91 3.06 -2.07
N ARG C 124 -32.79 1.78 -1.75
CA ARG C 124 -33.86 1.00 -1.07
C ARG C 124 -33.41 0.73 0.35
N LYS C 125 -34.24 1.06 1.34
CA LYS C 125 -33.96 0.71 2.75
C LYS C 125 -34.20 -0.77 2.97
N VAL C 126 -33.27 -1.42 3.65
CA VAL C 126 -33.40 -2.79 4.14
C VAL C 126 -34.15 -2.72 5.46
N GLU C 127 -35.20 -3.53 5.59
CA GLU C 127 -35.89 -3.66 6.88
C GLU C 127 -35.62 -5.03 7.49
N SER C 128 -35.45 -6.08 6.68
CA SER C 128 -35.13 -7.44 7.13
C SER C 128 -33.97 -7.43 8.12
N ALA C 129 -34.09 -8.15 9.24
CA ALA C 129 -33.00 -8.31 10.22
C ALA C 129 -31.89 -9.16 9.62
N ASP C 130 -32.26 -10.22 8.89
CA ASP C 130 -31.26 -11.11 8.25
C ASP C 130 -30.39 -10.28 7.29
N ASP C 131 -31.01 -9.45 6.46
CA ASP C 131 -30.30 -8.70 5.40
C ASP C 131 -29.50 -7.57 6.06
N THR C 132 -29.96 -7.06 7.17
CA THR C 132 -29.22 -6.00 7.92
C THR C 132 -27.94 -6.62 8.48
N LEU C 133 -28.08 -7.76 9.15
CA LEU C 133 -26.89 -8.42 9.74
C LEU C 133 -25.95 -8.83 8.62
N ALA C 134 -26.47 -9.36 7.51
CA ALA C 134 -25.63 -9.70 6.35
C ALA C 134 -24.81 -8.49 5.87
N THR C 135 -25.43 -7.31 5.85
CA THR C 135 -24.78 -6.08 5.33
C THR C 135 -23.54 -5.77 6.18
N VAL C 136 -23.73 -5.76 7.49
CA VAL C 136 -22.62 -5.33 8.38
C VAL C 136 -21.53 -6.42 8.42
N ARG C 137 -21.90 -7.68 8.38
CA ARG C 137 -20.90 -8.78 8.31
C ARG C 137 -20.11 -8.72 7.01
N ALA C 138 -20.76 -8.47 5.90
CA ALA C 138 -20.05 -8.39 4.63
C ALA C 138 -19.11 -7.16 4.69
N THR C 139 -19.55 -6.10 5.36
CA THR C 139 -18.74 -4.85 5.41
C THR C 139 -17.48 -5.15 6.22
N VAL C 140 -17.65 -5.80 7.38
CA VAL C 140 -16.45 -6.25 8.14
C VAL C 140 -15.56 -7.11 7.25
N ALA C 141 -16.10 -8.12 6.58
CA ALA C 141 -15.29 -9.05 5.76
C ALA C 141 -14.45 -8.27 4.74
N ALA C 142 -15.07 -7.33 4.03
CA ALA C 142 -14.41 -6.58 2.94
C ALA C 142 -13.37 -5.60 3.52
N LEU C 143 -13.75 -4.84 4.55
CA LEU C 143 -12.88 -3.76 5.06
C LEU C 143 -11.76 -4.33 5.92
N GLU C 144 -12.06 -5.32 6.77
CA GLU C 144 -10.99 -5.90 7.62
C GLU C 144 -9.94 -6.55 6.71
N SER C 145 -10.37 -7.22 5.64
CA SER C 145 -9.44 -7.83 4.66
C SER C 145 -8.51 -6.77 4.03
N ARG C 146 -9.06 -5.65 3.60
CA ARG C 146 -8.33 -4.65 2.83
C ARG C 146 -7.58 -3.67 3.72
N PHE C 147 -8.07 -3.31 4.91
CA PHE C 147 -7.52 -2.17 5.68
C PHE C 147 -7.12 -2.61 7.11
N GLY C 148 -7.37 -3.86 7.47
CA GLY C 148 -7.37 -4.29 8.87
C GLY C 148 -6.13 -5.10 9.24
N ALA C 149 -6.31 -5.98 10.23
CA ALA C 149 -5.20 -6.72 10.87
C ALA C 149 -5.72 -8.13 11.26
N GLY C 150 -6.45 -8.78 10.37
CA GLY C 150 -6.89 -10.17 10.58
C GLY C 150 -7.83 -10.38 11.76
N TRP C 151 -8.57 -9.36 12.20
CA TRP C 151 -9.61 -9.51 13.23
C TRP C 151 -10.71 -10.47 12.78
N ASP C 152 -11.01 -11.42 13.65
CA ASP C 152 -12.04 -12.46 13.43
C ASP C 152 -13.31 -12.01 14.13
N MET C 153 -14.37 -11.74 13.37
CA MET C 153 -15.64 -11.22 13.93
C MET C 153 -16.41 -12.32 14.70
N THR C 154 -16.02 -13.59 14.59
CA THR C 154 -16.82 -14.75 15.06
C THR C 154 -17.27 -14.52 16.51
N GLY C 155 -16.34 -14.15 17.42
CA GLY C 155 -16.65 -13.91 18.84
C GLY C 155 -17.52 -12.68 19.09
N SER C 156 -17.80 -11.87 18.07
CA SER C 156 -18.55 -10.62 18.26
C SER C 156 -19.92 -10.69 17.58
N LEU C 157 -20.27 -11.81 16.97
CA LEU C 157 -21.52 -11.90 16.16
C LEU C 157 -22.71 -11.69 17.09
N ASP C 158 -22.69 -12.20 18.34
CA ASP C 158 -23.82 -11.95 19.26
C ASP C 158 -23.89 -10.46 19.55
N TYR C 159 -22.75 -9.78 19.64
CA TYR C 159 -22.74 -8.33 19.92
C TYR C 159 -23.34 -7.58 18.73
N PHE C 160 -23.02 -7.98 17.51
CA PHE C 160 -23.59 -7.37 16.29
C PHE C 160 -25.12 -7.46 16.38
N ARG C 161 -25.65 -8.64 16.73
CA ARG C 161 -27.13 -8.83 16.85
C ARG C 161 -27.70 -7.90 17.92
N ARG C 162 -26.99 -7.72 19.02
CA ARG C 162 -27.41 -6.81 20.12
C ARG C 162 -27.55 -5.35 19.68
N ILE C 163 -26.66 -4.83 18.84
CA ILE C 163 -26.73 -3.38 18.49
C ILE C 163 -27.39 -3.19 17.10
N LEU C 164 -27.76 -4.30 16.46
CA LEU C 164 -28.36 -4.36 15.10
C LEU C 164 -29.56 -3.41 14.95
N PRO C 165 -30.44 -3.19 15.95
CA PRO C 165 -31.64 -2.33 15.70
C PRO C 165 -31.36 -0.89 15.21
N GLY C 166 -30.18 -0.36 15.58
CA GLY C 166 -29.82 1.01 15.17
C GLY C 166 -29.30 1.10 13.73
N VAL C 167 -29.04 -0.03 13.08
CA VAL C 167 -28.44 -0.07 11.72
C VAL C 167 -29.51 0.24 10.69
N GLY C 168 -29.27 1.26 9.87
CA GLY C 168 -30.06 1.49 8.65
C GLY C 168 -29.32 0.97 7.44
N ALA C 169 -29.52 -0.29 7.09
CA ALA C 169 -28.83 -0.89 5.94
C ALA C 169 -29.60 -0.47 4.70
N PHE C 170 -28.92 -0.38 3.56
CA PHE C 170 -29.55 0.03 2.29
C PHE C 170 -28.86 -0.71 1.16
N ARG C 171 -29.55 -0.64 0.02
CA ARG C 171 -29.09 -1.21 -1.26
C ARG C 171 -29.17 -0.07 -2.28
N LEU C 172 -28.17 0.05 -3.13
CA LEU C 172 -28.11 1.11 -4.16
C LEU C 172 -27.85 0.41 -5.49
N ARG C 173 -28.89 0.25 -6.31
CA ARG C 173 -28.74 -0.32 -7.67
C ARG C 173 -28.13 0.79 -8.53
N VAL C 174 -26.95 0.55 -9.05
CA VAL C 174 -26.20 1.58 -9.82
C VAL C 174 -26.81 1.69 -11.23
N ALA C 175 -27.42 2.84 -11.51
CA ALA C 175 -27.98 3.22 -12.84
C ALA C 175 -26.92 3.94 -13.65
N GLU C 176 -26.07 4.75 -13.00
CA GLU C 176 -25.02 5.54 -13.69
C GLU C 176 -23.77 5.51 -12.83
N ALA C 177 -22.61 5.48 -13.48
CA ALA C 177 -21.30 5.49 -12.78
C ALA C 177 -20.38 6.37 -13.58
N ASP C 178 -19.87 7.41 -12.94
CA ASP C 178 -18.94 8.37 -13.57
C ASP C 178 -17.64 8.35 -12.77
N GLY C 179 -16.52 8.49 -13.45
CA GLY C 179 -15.18 8.46 -12.82
C GLY C 179 -14.33 9.60 -13.32
N MET C 180 -13.91 10.45 -12.39
CA MET C 180 -12.92 11.50 -12.64
C MET C 180 -11.53 11.02 -12.25
N PHE C 181 -10.67 10.82 -13.25
CA PHE C 181 -9.25 10.48 -13.02
C PHE C 181 -8.42 11.66 -13.49
N LYS C 182 -8.32 12.67 -12.64
CA LYS C 182 -7.66 13.96 -13.01
C LYS C 182 -6.19 13.81 -12.66
N LEU C 183 -5.39 13.40 -13.66
CA LEU C 183 -4.02 12.89 -13.44
C LEU C 183 -3.08 13.49 -14.51
N SER C 184 -3.25 14.76 -14.85
CA SER C 184 -2.30 15.54 -15.69
C SER C 184 -2.30 15.02 -17.16
N GLN C 185 -3.33 14.29 -17.56
CA GLN C 185 -3.48 13.80 -18.97
C GLN C 185 -3.49 14.95 -19.98
N GLU C 186 -3.91 16.16 -19.58
CA GLU C 186 -3.97 17.41 -20.38
C GLU C 186 -2.56 17.93 -20.68
N GLN C 187 -1.56 17.57 -19.87
CA GLN C 187 -0.19 18.09 -20.10
C GLN C 187 0.53 17.28 -21.20
N GLN C 188 1.58 17.87 -21.75
CA GLN C 188 2.49 17.19 -22.69
C GLN C 188 3.21 16.07 -21.93
N PRO C 189 3.60 14.99 -22.63
CA PRO C 189 4.32 13.86 -22.02
C PRO C 189 5.48 14.22 -21.08
N ALA C 190 6.36 15.14 -21.49
CA ALA C 190 7.54 15.54 -20.69
C ALA C 190 7.04 16.16 -19.38
N ILE C 191 5.92 16.90 -19.42
CA ILE C 191 5.39 17.55 -18.19
C ILE C 191 4.79 16.46 -17.30
N ARG C 192 3.99 15.57 -17.87
CA ARG C 192 3.39 14.44 -17.12
C ARG C 192 4.49 13.65 -16.41
N ARG C 193 5.65 13.46 -17.05
CA ARG C 193 6.75 12.68 -16.43
C ARG C 193 7.35 13.49 -15.28
N ARG C 194 7.42 14.82 -15.42
CA ARG C 194 7.95 15.66 -14.30
C ARG C 194 6.99 15.62 -13.12
N VAL C 195 5.68 15.71 -13.37
CA VAL C 195 4.68 15.58 -12.28
C VAL C 195 4.84 14.22 -11.57
N ARG C 196 4.77 13.15 -12.33
CA ARG C 196 4.88 11.78 -11.76
C ARG C 196 6.15 11.67 -10.89
N HIS C 197 7.28 12.19 -11.37
CA HIS C 197 8.59 12.06 -10.68
C HIS C 197 8.50 12.86 -9.40
N SER C 198 7.87 14.03 -9.45
CA SER C 198 7.69 14.91 -8.27
C SER C 198 6.92 14.20 -7.17
N PHE C 199 5.89 13.45 -7.52
CA PHE C 199 4.96 12.78 -6.58
C PHE C 199 5.59 11.49 -6.02
N GLY C 200 6.56 10.92 -6.71
CA GLY C 200 7.17 9.64 -6.28
C GLY C 200 8.01 9.78 -5.02
N GLY C 201 8.42 11.01 -4.67
CA GLY C 201 9.39 11.28 -3.60
C GLY C 201 8.77 11.38 -2.21
N ALA C 202 7.48 11.13 -2.02
CA ALA C 202 6.81 11.38 -0.71
C ALA C 202 5.58 10.50 -0.49
N GLU C 203 5.39 10.02 0.74
CA GLU C 203 4.25 9.15 1.10
C GLU C 203 2.93 9.83 0.72
N ALA C 204 2.78 11.14 0.96
CA ALA C 204 1.52 11.89 0.75
C ALA C 204 1.04 11.76 -0.70
N THR C 205 1.95 11.54 -1.63
CA THR C 205 1.67 11.66 -3.10
C THR C 205 2.00 10.39 -3.87
N ARG C 206 2.60 9.38 -3.24
CA ARG C 206 3.03 8.14 -3.96
C ARG C 206 1.82 7.43 -4.61
N ALA C 207 0.63 7.46 -4.02
CA ALA C 207 -0.58 6.77 -4.55
C ALA C 207 -1.02 7.47 -5.84
N VAL C 208 -0.90 8.80 -5.87
CA VAL C 208 -1.15 9.54 -7.14
C VAL C 208 -0.11 9.15 -8.19
N ALA C 209 1.16 9.18 -7.83
CA ALA C 209 2.25 8.77 -8.75
C ALA C 209 1.96 7.36 -9.29
N GLY C 210 1.55 6.43 -8.42
CA GLY C 210 1.22 5.05 -8.84
C GLY C 210 0.11 5.00 -9.89
N LEU C 211 -0.98 5.76 -9.74
CA LEU C 211 -2.04 5.81 -10.78
C LEU C 211 -1.51 6.43 -12.08
N MET C 212 -0.78 7.54 -12.02
CA MET C 212 -0.20 8.16 -13.22
C MET C 212 0.70 7.14 -13.96
N ASP C 213 1.42 6.29 -13.22
CA ASP C 213 2.25 5.19 -13.80
C ASP C 213 1.42 4.18 -14.61
N ARG C 214 0.14 3.98 -14.31
CA ARG C 214 -0.72 2.94 -14.93
C ARG C 214 -1.47 3.48 -16.14
N LEU C 215 -1.42 4.78 -16.43
CA LEU C 215 -2.13 5.36 -17.59
C LEU C 215 -1.41 4.90 -18.84
N PRO C 216 -2.14 4.53 -19.93
CA PRO C 216 -1.50 4.05 -21.16
C PRO C 216 -0.45 5.03 -21.73
N GLY D 4 -29.75 19.94 13.62
CA GLY D 4 -28.58 20.18 12.71
C GLY D 4 -28.87 19.78 11.28
N ALA D 5 -28.17 20.38 10.31
CA ALA D 5 -28.22 19.99 8.88
C ALA D 5 -27.30 18.78 8.66
N MET D 6 -26.29 18.62 9.51
CA MET D 6 -25.37 17.45 9.49
C MET D 6 -25.53 16.72 10.83
N PHE D 7 -25.68 15.40 10.77
CA PHE D 7 -25.81 14.56 11.97
C PHE D 7 -24.42 14.32 12.56
N VAL D 8 -24.19 14.81 13.80
CA VAL D 8 -22.88 14.60 14.47
C VAL D 8 -23.14 14.18 15.90
N PRO D 9 -22.94 12.90 16.24
CA PRO D 9 -22.99 12.47 17.65
C PRO D 9 -22.15 13.39 18.54
N GLY D 10 -22.65 13.65 19.75
CA GLY D 10 -22.00 14.50 20.78
C GLY D 10 -20.51 14.23 20.94
N PRO D 11 -20.06 12.95 21.03
CA PRO D 11 -18.66 12.67 21.32
C PRO D 11 -17.74 13.14 20.19
N TYR D 12 -18.28 13.33 18.98
CA TYR D 12 -17.47 13.64 17.78
C TYR D 12 -17.51 15.12 17.40
N HIS D 13 -17.99 15.99 18.30
CA HIS D 13 -17.89 17.47 18.13
C HIS D 13 -16.43 17.87 18.30
N ALA D 14 -15.93 18.81 17.49
CA ALA D 14 -14.60 19.43 17.68
C ALA D 14 -14.54 20.05 19.07
N PRO D 15 -13.36 19.97 19.72
CA PRO D 15 -13.10 20.65 21.00
C PRO D 15 -13.23 22.18 20.90
N GLU D 16 -12.97 22.74 19.71
CA GLU D 16 -12.84 24.20 19.46
C GLU D 16 -13.38 24.51 18.07
N ASP D 17 -14.06 25.63 17.90
CA ASP D 17 -14.56 26.05 16.57
C ASP D 17 -13.40 26.11 15.55
N ARG D 18 -12.20 26.53 16.00
CA ARG D 18 -11.03 26.70 15.10
C ARG D 18 -10.67 25.40 14.36
N TRP D 19 -11.02 24.24 14.91
CA TRP D 19 -10.71 22.95 14.24
C TRP D 19 -11.42 22.90 12.89
N LEU D 20 -12.63 23.48 12.77
CA LEU D 20 -13.38 23.38 11.51
C LEU D 20 -12.65 24.25 10.49
N VAL D 21 -12.22 25.45 10.91
CA VAL D 21 -11.47 26.35 10.01
C VAL D 21 -10.19 25.63 9.58
N ASP D 22 -9.47 25.02 10.53
CA ASP D 22 -8.19 24.35 10.24
C ASP D 22 -8.46 23.29 9.14
N LEU D 23 -9.56 22.54 9.24
CA LEU D 23 -9.83 21.43 8.26
C LEU D 23 -10.12 22.04 6.88
N VAL D 24 -10.90 23.12 6.81
CA VAL D 24 -11.20 23.79 5.52
C VAL D 24 -9.88 24.26 4.90
N ARG D 25 -8.99 24.87 5.70
CA ARG D 25 -7.70 25.37 5.19
C ARG D 25 -6.84 24.19 4.70
N GLY D 26 -6.91 23.06 5.38
CA GLY D 26 -5.99 21.92 5.14
C GLY D 26 -6.42 21.10 3.94
N HIS D 27 -7.70 21.19 3.55
CA HIS D 27 -8.33 20.24 2.60
C HIS D 27 -9.25 20.99 1.65
N PRO D 28 -8.70 21.91 0.84
CA PRO D 28 -9.52 22.87 0.10
C PRO D 28 -10.30 22.31 -1.09
N LEU D 29 -10.00 21.09 -1.54
CA LEU D 29 -10.76 20.52 -2.67
C LEU D 29 -12.02 19.90 -2.08
N ALA D 30 -13.08 20.72 -1.98
CA ALA D 30 -14.36 20.38 -1.37
C ALA D 30 -15.29 19.70 -2.38
N GLN D 31 -16.22 18.93 -1.84
CA GLN D 31 -17.35 18.42 -2.69
C GLN D 31 -18.52 19.39 -2.56
N LEU D 32 -18.80 20.10 -3.62
CA LEU D 32 -19.93 21.07 -3.66
C LEU D 32 -21.18 20.31 -4.14
N ALA D 33 -22.25 20.33 -3.36
CA ALA D 33 -23.49 19.60 -3.66
C ALA D 33 -24.68 20.56 -3.67
N SER D 34 -25.53 20.39 -4.65
CA SER D 34 -26.83 21.10 -4.71
C SER D 34 -27.90 20.15 -5.25
N ASN D 35 -29.15 20.48 -5.01
CA ASN D 35 -30.27 19.57 -5.33
C ASN D 35 -30.33 19.33 -6.84
N GLY D 36 -30.66 18.10 -7.20
CA GLY D 36 -31.00 17.71 -8.59
C GLY D 36 -32.42 18.17 -8.90
N ALA D 37 -32.66 18.58 -10.14
CA ALA D 37 -34.00 19.02 -10.61
C ALA D 37 -34.91 17.80 -10.68
N GLY D 38 -36.15 17.94 -10.19
CA GLY D 38 -37.25 16.96 -10.31
C GLY D 38 -36.88 15.62 -9.70
N GLY D 39 -36.51 15.63 -8.42
CA GLY D 39 -36.21 14.41 -7.63
C GLY D 39 -34.98 13.64 -8.10
N ALA D 40 -34.19 14.13 -9.07
CA ALA D 40 -32.90 13.53 -9.51
C ALA D 40 -31.90 13.65 -8.37
N ALA D 41 -30.83 12.85 -8.43
CA ALA D 41 -29.77 12.89 -7.39
C ALA D 41 -29.11 14.28 -7.40
N PRO D 42 -28.58 14.76 -6.27
CA PRO D 42 -27.76 15.96 -6.26
C PRO D 42 -26.64 15.98 -7.32
N HIS D 43 -26.34 17.19 -7.79
CA HIS D 43 -25.11 17.53 -8.51
C HIS D 43 -23.97 17.58 -7.50
N ILE D 44 -22.84 16.98 -7.84
CA ILE D 44 -21.61 17.02 -6.97
C ILE D 44 -20.44 17.41 -7.85
N THR D 45 -19.72 18.46 -7.48
CA THR D 45 -18.47 18.86 -8.14
C THR D 45 -17.38 19.06 -7.10
N HIS D 46 -16.19 18.50 -7.36
CA HIS D 46 -14.96 18.84 -6.65
C HIS D 46 -14.45 20.22 -7.10
N VAL D 47 -14.35 21.14 -6.15
CA VAL D 47 -14.01 22.56 -6.40
C VAL D 47 -13.06 23.04 -5.33
N PRO D 48 -12.09 23.90 -5.73
CA PRO D 48 -11.18 24.57 -4.80
C PRO D 48 -11.87 25.73 -4.09
N ILE D 49 -11.91 25.66 -2.76
CA ILE D 49 -12.60 26.67 -1.91
C ILE D 49 -11.65 27.15 -0.80
N ILE D 50 -11.55 28.47 -0.67
CA ILE D 50 -10.68 29.14 0.33
C ILE D 50 -11.51 30.07 1.19
N VAL D 51 -10.98 30.35 2.38
CA VAL D 51 -11.51 31.40 3.28
C VAL D 51 -11.23 32.78 2.64
N ASP D 52 -12.22 33.68 2.67
CA ASP D 52 -12.13 35.11 2.29
C ASP D 52 -10.71 35.61 2.55
N PRO D 53 -9.92 35.93 1.52
CA PRO D 53 -8.53 36.39 1.73
C PRO D 53 -8.41 37.76 2.38
N GLU D 54 -9.51 38.51 2.48
CA GLU D 54 -9.52 39.90 3.02
C GLU D 54 -9.72 39.90 4.54
N LEU D 55 -9.89 38.75 5.21
CA LEU D 55 -10.08 38.69 6.71
C LEU D 55 -8.74 38.91 7.43
N ASP D 56 -8.73 39.78 8.42
CA ASP D 56 -7.50 40.10 9.21
C ASP D 56 -7.66 39.51 10.62
N GLY D 57 -6.54 39.22 11.28
CA GLY D 57 -6.54 38.66 12.65
C GLY D 57 -7.19 37.28 12.63
N PRO D 58 -7.33 36.62 13.81
CA PRO D 58 -7.53 35.17 13.88
C PRO D 58 -8.92 34.80 13.36
N VAL D 59 -9.04 33.71 12.59
CA VAL D 59 -10.36 33.24 12.06
C VAL D 59 -10.72 32.00 12.87
N ASP D 60 -11.60 32.12 13.86
CA ASP D 60 -11.91 30.97 14.76
C ASP D 60 -13.22 30.28 14.36
N ARG D 61 -14.12 30.95 13.66
CA ARG D 61 -15.47 30.41 13.40
C ARG D 61 -15.71 30.51 11.91
N LEU D 62 -16.30 29.48 11.32
CA LEU D 62 -16.69 29.55 9.88
C LEU D 62 -18.01 30.31 9.73
N VAL D 63 -18.94 30.18 10.67
CA VAL D 63 -20.30 30.78 10.50
C VAL D 63 -20.14 32.30 10.38
N GLY D 64 -20.70 32.88 9.32
CA GLY D 64 -20.66 34.33 9.07
C GLY D 64 -19.51 34.76 8.19
N ILE D 65 -18.56 33.89 7.86
CA ILE D 65 -17.53 34.28 6.87
C ILE D 65 -18.00 33.86 5.48
N THR D 66 -17.38 34.46 4.50
CA THR D 66 -17.63 34.16 3.08
C THR D 66 -16.49 33.29 2.58
N LEU D 67 -16.84 32.19 1.93
CA LEU D 67 -15.86 31.35 1.24
C LEU D 67 -15.86 31.69 -0.25
N TRP D 68 -14.68 31.63 -0.81
CA TRP D 68 -14.44 31.90 -2.26
C TRP D 68 -14.16 30.58 -2.97
N GLY D 69 -14.63 30.42 -4.22
CA GLY D 69 -14.36 29.17 -4.94
C GLY D 69 -14.65 29.32 -6.40
N HIS D 70 -14.24 28.36 -7.19
CA HIS D 70 -14.53 28.38 -8.66
C HIS D 70 -14.76 26.96 -9.15
N MET D 71 -15.42 26.89 -10.30
CA MET D 71 -15.70 25.65 -11.01
C MET D 71 -15.70 26.01 -12.49
N ASN D 72 -15.82 25.01 -13.33
CA ASN D 72 -15.89 25.18 -14.81
C ASN D 72 -17.28 25.68 -15.20
N ARG D 73 -17.38 26.83 -15.85
CA ARG D 73 -18.67 27.36 -16.37
C ARG D 73 -19.34 26.37 -17.31
N ALA D 74 -18.59 25.48 -17.96
CA ALA D 74 -19.13 24.48 -18.90
C ALA D 74 -19.70 23.29 -18.15
N ASN D 75 -19.39 23.15 -16.86
CA ASN D 75 -19.96 22.10 -16.02
C ASN D 75 -21.45 22.38 -15.93
N PRO D 76 -22.36 21.44 -16.31
CA PRO D 76 -23.80 21.66 -16.14
C PRO D 76 -24.24 22.07 -14.75
N HIS D 77 -23.41 21.74 -13.76
CA HIS D 77 -23.70 22.11 -12.35
C HIS D 77 -23.79 23.64 -12.29
N TRP D 78 -22.96 24.33 -13.05
CA TRP D 78 -22.93 25.83 -13.01
C TRP D 78 -24.31 26.40 -13.38
N ALA D 79 -24.89 25.95 -14.50
CA ALA D 79 -26.24 26.37 -14.96
C ALA D 79 -27.27 25.95 -13.92
N ALA D 80 -27.09 24.80 -13.30
CA ALA D 80 -28.10 24.21 -12.39
C ALA D 80 -28.17 25.02 -11.11
N LEU D 81 -27.10 25.72 -10.76
CA LEU D 81 -27.09 26.51 -9.51
C LEU D 81 -27.99 27.76 -9.68
N GLY D 82 -28.27 28.14 -10.93
CA GLY D 82 -29.15 29.30 -11.24
C GLY D 82 -28.68 30.53 -10.48
N GLY D 83 -29.55 31.10 -9.64
CA GLY D 83 -29.26 32.31 -8.86
C GLY D 83 -28.74 31.97 -7.46
N ALA D 84 -29.65 31.95 -6.48
CA ALA D 84 -29.36 31.87 -5.03
C ALA D 84 -29.59 30.43 -4.54
N ALA D 85 -28.76 29.49 -5.02
CA ALA D 85 -28.88 28.05 -4.68
C ALA D 85 -28.44 27.81 -3.22
N ASN D 86 -29.21 27.01 -2.49
CA ASN D 86 -28.81 26.52 -1.15
C ASN D 86 -27.88 25.34 -1.36
N VAL D 87 -26.63 25.44 -0.92
CA VAL D 87 -25.60 24.40 -1.23
C VAL D 87 -24.96 23.93 0.07
N VAL D 88 -24.34 22.77 -0.02
CA VAL D 88 -23.44 22.24 1.04
C VAL D 88 -22.09 22.03 0.36
N ALA D 89 -21.01 22.43 1.06
CA ALA D 89 -19.62 22.13 0.65
C ALA D 89 -18.99 21.31 1.74
N THR D 90 -18.51 20.13 1.35
CA THR D 90 -18.00 19.12 2.28
C THR D 90 -16.48 19.07 2.11
N PHE D 91 -15.79 19.25 3.24
CA PHE D 91 -14.32 19.22 3.34
C PHE D 91 -13.97 17.94 4.11
N ALA D 92 -13.16 17.08 3.52
CA ALA D 92 -12.81 15.76 4.12
C ALA D 92 -11.34 15.77 4.53
N GLY D 93 -11.07 15.53 5.81
CA GLY D 93 -9.69 15.53 6.30
C GLY D 93 -9.15 14.12 6.55
N PRO D 94 -8.14 14.02 7.45
CA PRO D 94 -7.52 12.76 7.84
C PRO D 94 -8.56 11.71 8.21
N ASN D 95 -8.27 10.46 7.91
CA ASN D 95 -9.24 9.37 8.17
C ASN D 95 -8.46 8.07 8.16
N ALA D 96 -8.94 7.09 8.90
CA ALA D 96 -8.32 5.74 8.86
C ALA D 96 -9.27 4.72 9.42
N TYR D 97 -9.27 3.56 8.80
CA TYR D 97 -9.97 2.35 9.29
C TYR D 97 -9.40 1.90 10.62
N VAL D 98 -10.31 1.61 11.54
CA VAL D 98 -9.98 1.07 12.89
C VAL D 98 -10.34 -0.41 12.96
N SER D 99 -9.32 -1.26 12.96
CA SER D 99 -9.46 -2.72 13.18
C SER D 99 -9.67 -2.96 14.66
N PRO D 100 -10.67 -3.74 15.12
CA PRO D 100 -10.74 -4.07 16.56
C PRO D 100 -9.55 -4.90 17.10
N ALA D 101 -8.68 -5.41 16.22
CA ALA D 101 -7.36 -5.97 16.63
C ALA D 101 -6.57 -4.95 17.45
N VAL D 102 -6.68 -3.65 17.17
CA VAL D 102 -5.90 -2.58 17.79
C VAL D 102 -6.45 -2.44 19.22
N TYR D 103 -7.77 -2.66 19.40
CA TYR D 103 -8.40 -2.51 20.72
C TYR D 103 -7.88 -3.53 21.72
N ARG D 104 -7.67 -4.78 21.26
CA ARG D 104 -7.30 -5.98 22.08
C ARG D 104 -8.39 -6.27 23.13
N THR D 105 -9.63 -5.98 22.76
CA THR D 105 -10.85 -6.22 23.59
C THR D 105 -11.83 -7.05 22.78
N ALA D 106 -12.80 -7.63 23.45
CA ALA D 106 -13.88 -8.45 22.84
C ALA D 106 -15.11 -8.30 23.72
N PRO D 107 -16.31 -8.17 23.14
CA PRO D 107 -16.51 -8.13 21.69
C PRO D 107 -16.31 -6.69 21.19
N ALA D 108 -16.41 -6.49 19.87
CA ALA D 108 -16.18 -5.17 19.28
C ALA D 108 -16.73 -5.23 17.86
N ALA D 109 -16.72 -4.07 17.26
CA ALA D 109 -17.04 -3.88 15.82
C ALA D 109 -16.02 -2.88 15.30
N PRO D 110 -15.64 -2.99 14.02
CA PRO D 110 -14.69 -2.04 13.45
C PRO D 110 -15.37 -0.68 13.27
N THR D 111 -14.59 0.34 12.96
CA THR D 111 -15.15 1.64 12.57
C THR D 111 -14.19 2.29 11.57
N TRP D 112 -14.52 3.50 11.17
CA TRP D 112 -13.61 4.33 10.36
C TRP D 112 -13.51 5.68 11.05
N ASN D 113 -12.35 5.99 11.63
CA ASN D 113 -12.18 7.34 12.17
C ASN D 113 -12.13 8.28 11.01
N PHE D 114 -12.79 9.38 11.06
CA PHE D 114 -12.65 10.36 10.00
C PHE D 114 -13.00 11.75 10.48
N THR D 115 -12.68 12.71 9.63
CA THR D 115 -12.94 14.16 9.88
C THR D 115 -13.67 14.78 8.69
N SER D 116 -14.68 15.58 8.96
CA SER D 116 -15.48 16.18 7.86
C SER D 116 -16.02 17.52 8.37
N VAL D 117 -15.93 18.53 7.56
CA VAL D 117 -16.73 19.77 7.80
C VAL D 117 -17.73 19.88 6.67
N GLN D 118 -18.98 20.22 6.99
CA GLN D 118 -20.00 20.57 5.97
C GLN D 118 -20.43 21.99 6.27
N VAL D 119 -20.23 22.84 5.32
CA VAL D 119 -20.76 24.23 5.44
C VAL D 119 -21.94 24.36 4.51
N ARG D 120 -22.91 25.11 4.97
CA ARG D 120 -24.15 25.34 4.21
C ARG D 120 -24.39 26.83 4.11
N GLY D 121 -24.79 27.25 2.93
CA GLY D 121 -25.38 28.58 2.78
C GLY D 121 -25.82 28.78 1.36
N GLU D 122 -26.01 30.03 1.03
CA GLU D 122 -26.45 30.41 -0.32
C GLU D 122 -25.21 30.68 -1.18
N LEU D 123 -25.16 30.07 -2.36
CA LEU D 123 -24.03 30.23 -3.28
C LEU D 123 -24.43 31.38 -4.21
N ARG D 124 -23.60 32.42 -4.27
CA ARG D 124 -23.81 33.56 -5.16
C ARG D 124 -22.77 33.49 -6.26
N LYS D 125 -23.21 33.52 -7.51
CA LYS D 125 -22.29 33.54 -8.65
C LYS D 125 -21.65 34.91 -8.77
N VAL D 126 -20.34 34.91 -9.02
CA VAL D 126 -19.59 36.12 -9.40
C VAL D 126 -19.76 36.26 -10.92
N GLU D 127 -20.31 37.40 -11.36
CA GLU D 127 -20.45 37.69 -12.81
C GLU D 127 -19.76 39.03 -13.13
N SER D 128 -18.73 39.42 -12.37
CA SER D 128 -17.73 40.45 -12.79
C SER D 128 -16.41 39.74 -13.10
N ALA D 129 -15.85 39.91 -14.29
CA ALA D 129 -14.48 39.47 -14.66
C ALA D 129 -13.43 39.89 -13.60
N ASP D 130 -13.50 41.11 -13.08
CA ASP D 130 -12.50 41.56 -12.08
C ASP D 130 -12.58 40.67 -10.81
N ASP D 131 -13.78 40.23 -10.43
CA ASP D 131 -13.98 39.46 -9.17
C ASP D 131 -13.63 37.98 -9.43
N THR D 132 -13.73 37.55 -10.67
CA THR D 132 -13.39 36.18 -11.13
C THR D 132 -11.86 36.06 -11.13
N LEU D 133 -11.17 37.08 -11.64
CA LEU D 133 -9.69 37.14 -11.55
C LEU D 133 -9.24 37.16 -10.11
N ALA D 134 -9.84 37.99 -9.26
CA ALA D 134 -9.53 38.04 -7.81
C ALA D 134 -9.62 36.62 -7.20
N THR D 135 -10.72 35.91 -7.49
CA THR D 135 -10.98 34.56 -6.96
C THR D 135 -9.80 33.66 -7.29
N VAL D 136 -9.41 33.55 -8.56
CA VAL D 136 -8.34 32.57 -8.94
C VAL D 136 -6.96 33.01 -8.40
N ARG D 137 -6.67 34.31 -8.34
CA ARG D 137 -5.33 34.75 -7.86
C ARG D 137 -5.27 34.49 -6.37
N ALA D 138 -6.37 34.74 -5.68
CA ALA D 138 -6.43 34.56 -4.23
C ALA D 138 -6.24 33.05 -3.98
N THR D 139 -6.75 32.22 -4.90
CA THR D 139 -6.69 30.74 -4.74
C THR D 139 -5.23 30.31 -4.89
N VAL D 140 -4.56 30.82 -5.91
CA VAL D 140 -3.13 30.53 -6.14
C VAL D 140 -2.34 30.94 -4.90
N ALA D 141 -2.52 32.17 -4.44
CA ALA D 141 -1.75 32.66 -3.28
C ALA D 141 -1.91 31.70 -2.07
N ALA D 142 -3.13 31.29 -1.79
CA ALA D 142 -3.49 30.47 -0.59
C ALA D 142 -2.95 29.05 -0.79
N LEU D 143 -3.17 28.45 -1.97
CA LEU D 143 -2.82 27.01 -2.13
C LEU D 143 -1.33 26.86 -2.44
N GLU D 144 -0.74 27.72 -3.27
CA GLU D 144 0.70 27.56 -3.58
C GLU D 144 1.51 27.74 -2.29
N SER D 145 1.14 28.66 -1.42
CA SER D 145 1.89 28.87 -0.14
C SER D 145 1.77 27.62 0.73
N ARG D 146 0.56 27.08 0.89
CA ARG D 146 0.31 25.96 1.83
C ARG D 146 0.73 24.60 1.26
N PHE D 147 0.60 24.33 -0.04
CA PHE D 147 0.80 22.97 -0.63
C PHE D 147 1.85 22.95 -1.75
N GLY D 148 2.36 24.10 -2.14
CA GLY D 148 3.13 24.20 -3.41
C GLY D 148 4.62 24.15 -3.21
N ALA D 149 5.36 24.62 -4.22
CA ALA D 149 6.83 24.50 -4.33
C ALA D 149 7.44 25.85 -4.78
N GLY D 150 6.88 26.97 -4.33
CA GLY D 150 7.46 28.30 -4.52
C GLY D 150 7.20 28.88 -5.89
N TRP D 151 6.18 28.40 -6.61
CA TRP D 151 5.88 28.95 -7.97
C TRP D 151 5.42 30.39 -7.85
N ASP D 152 5.86 31.22 -8.79
CA ASP D 152 5.49 32.64 -8.90
C ASP D 152 4.53 32.78 -10.07
N MET D 153 3.29 33.17 -9.77
CA MET D 153 2.24 33.34 -10.79
C MET D 153 2.49 34.58 -11.68
N THR D 154 3.47 35.40 -11.39
CA THR D 154 3.57 36.75 -12.03
C THR D 154 3.55 36.66 -13.56
N GLY D 155 4.39 35.81 -14.13
CA GLY D 155 4.51 35.60 -15.61
C GLY D 155 3.27 35.00 -16.27
N SER D 156 2.29 34.55 -15.49
CA SER D 156 1.07 33.86 -15.95
C SER D 156 -0.17 34.73 -15.73
N LEU D 157 -0.02 36.02 -15.37
CA LEU D 157 -1.23 36.90 -15.21
C LEU D 157 -1.97 37.05 -16.53
N ASP D 158 -1.24 37.21 -17.64
CA ASP D 158 -1.92 37.38 -18.96
C ASP D 158 -2.68 36.11 -19.32
N TYR D 159 -2.05 34.97 -19.10
CA TYR D 159 -2.67 33.63 -19.28
C TYR D 159 -3.96 33.52 -18.47
N PHE D 160 -3.90 33.84 -17.15
CA PHE D 160 -5.10 33.79 -16.31
C PHE D 160 -6.23 34.62 -16.94
N ARG D 161 -5.89 35.82 -17.44
CA ARG D 161 -6.94 36.76 -17.90
C ARG D 161 -7.56 36.21 -19.19
N ARG D 162 -6.76 35.51 -19.96
CA ARG D 162 -7.22 34.93 -21.23
C ARG D 162 -8.18 33.77 -20.94
N ILE D 163 -7.94 32.93 -19.90
CA ILE D 163 -8.76 31.71 -19.68
C ILE D 163 -9.95 32.03 -18.76
N LEU D 164 -9.99 33.24 -18.27
CA LEU D 164 -10.94 33.66 -17.22
C LEU D 164 -12.39 33.41 -17.66
N PRO D 165 -12.78 33.54 -18.96
CA PRO D 165 -14.16 33.28 -19.39
C PRO D 165 -14.70 31.89 -19.03
N GLY D 166 -13.83 30.89 -18.88
CA GLY D 166 -14.14 29.50 -18.50
C GLY D 166 -14.42 29.33 -17.02
N VAL D 167 -14.11 30.33 -16.22
CA VAL D 167 -14.24 30.25 -14.73
C VAL D 167 -15.64 30.65 -14.31
N GLY D 168 -16.31 29.78 -13.54
CA GLY D 168 -17.47 30.13 -12.72
C GLY D 168 -17.03 30.39 -11.29
N ALA D 169 -16.75 31.64 -10.93
CA ALA D 169 -16.37 32.00 -9.54
C ALA D 169 -17.61 32.18 -8.70
N PHE D 170 -17.51 31.98 -7.38
CA PHE D 170 -18.68 32.07 -6.52
C PHE D 170 -18.21 32.44 -5.13
N ARG D 171 -19.16 32.89 -4.36
CA ARG D 171 -19.05 33.23 -2.93
C ARG D 171 -20.07 32.40 -2.17
N LEU D 172 -19.69 31.88 -1.03
CA LEU D 172 -20.60 31.11 -0.19
C LEU D 172 -20.52 31.69 1.21
N ARG D 173 -21.53 32.46 1.62
CA ARG D 173 -21.59 32.98 2.99
C ARG D 173 -22.04 31.80 3.82
N VAL D 174 -21.26 31.44 4.82
CA VAL D 174 -21.56 30.27 5.68
C VAL D 174 -22.67 30.64 6.65
N ALA D 175 -23.84 30.02 6.49
CA ALA D 175 -25.01 30.14 7.40
C ALA D 175 -24.91 29.11 8.52
N GLU D 176 -24.45 27.89 8.19
CA GLU D 176 -24.26 26.81 9.17
C GLU D 176 -22.96 26.06 8.86
N ALA D 177 -22.30 25.64 9.90
CA ALA D 177 -21.09 24.81 9.75
C ALA D 177 -21.11 23.72 10.79
N ASP D 178 -20.92 22.49 10.34
CA ASP D 178 -20.93 21.31 11.23
C ASP D 178 -19.63 20.55 11.03
N GLY D 179 -19.04 20.08 12.11
CA GLY D 179 -17.78 19.32 12.07
C GLY D 179 -17.98 17.95 12.68
N MET D 180 -17.66 16.91 11.93
CA MET D 180 -17.53 15.52 12.45
C MET D 180 -16.05 15.23 12.70
N PHE D 181 -15.66 15.08 13.98
CA PHE D 181 -14.29 14.69 14.34
C PHE D 181 -14.35 13.31 15.00
N LYS D 182 -14.49 12.27 14.17
CA LYS D 182 -14.75 10.88 14.66
C LYS D 182 -13.39 10.23 14.92
N LEU D 183 -12.95 10.26 16.20
CA LEU D 183 -11.54 10.03 16.62
C LEU D 183 -11.51 9.17 17.89
N SER D 184 -12.38 8.17 17.95
CA SER D 184 -12.41 7.10 18.97
C SER D 184 -12.84 7.68 20.32
N GLN D 185 -13.49 8.84 20.32
CA GLN D 185 -13.91 9.47 21.63
C GLN D 185 -14.90 8.56 22.37
N GLU D 186 -15.60 7.67 21.69
CA GLU D 186 -16.60 6.77 22.30
C GLU D 186 -15.92 5.66 23.10
N GLN D 187 -14.63 5.41 22.86
CA GLN D 187 -13.93 4.27 23.50
C GLN D 187 -13.48 4.71 24.90
N GLN D 188 -13.20 3.73 25.77
CA GLN D 188 -12.56 3.95 27.09
C GLN D 188 -11.17 4.51 26.86
N PRO D 189 -10.65 5.39 27.75
CA PRO D 189 -9.39 6.10 27.49
C PRO D 189 -8.17 5.19 27.18
N ALA D 190 -8.07 4.01 27.81
CA ALA D 190 -7.00 3.02 27.54
C ALA D 190 -7.10 2.52 26.09
N ILE D 191 -8.31 2.30 25.58
CA ILE D 191 -8.50 1.84 24.17
C ILE D 191 -8.18 3.00 23.22
N ARG D 192 -8.64 4.21 23.52
CA ARG D 192 -8.32 5.42 22.73
C ARG D 192 -6.81 5.56 22.58
N ARG D 193 -6.08 5.34 23.67
CA ARG D 193 -4.60 5.36 23.67
C ARG D 193 -4.06 4.29 22.71
N ARG D 194 -4.61 3.08 22.72
CA ARG D 194 -4.10 1.99 21.88
C ARG D 194 -4.31 2.36 20.40
N VAL D 195 -5.43 3.00 20.09
CA VAL D 195 -5.69 3.43 18.69
C VAL D 195 -4.71 4.54 18.29
N ARG D 196 -4.49 5.52 19.16
CA ARG D 196 -3.59 6.65 18.87
C ARG D 196 -2.15 6.11 18.68
N HIS D 197 -1.63 5.27 19.58
CA HIS D 197 -0.30 4.62 19.38
C HIS D 197 -0.22 3.83 18.06
N SER D 198 -1.19 3.00 17.72
CA SER D 198 -1.24 2.28 16.43
C SER D 198 -1.12 3.25 15.25
N PHE D 199 -1.93 4.27 15.20
CA PHE D 199 -1.95 5.22 14.07
C PHE D 199 -0.67 6.04 14.02
N GLY D 200 0.05 6.17 15.15
CA GLY D 200 1.33 6.91 15.11
C GLY D 200 2.47 6.07 14.54
N GLY D 201 2.22 4.81 14.23
CA GLY D 201 3.25 3.86 13.77
C GLY D 201 3.36 3.77 12.27
N ALA D 202 2.54 4.52 11.52
CA ALA D 202 2.68 4.58 10.04
C ALA D 202 2.36 5.97 9.54
N GLU D 203 3.10 6.40 8.50
CA GLU D 203 2.92 7.76 7.96
C GLU D 203 1.45 7.96 7.52
N ALA D 204 0.83 6.95 6.93
CA ALA D 204 -0.52 7.02 6.33
C ALA D 204 -1.56 7.44 7.39
N THR D 205 -1.30 7.11 8.65
CA THR D 205 -2.30 7.31 9.75
C THR D 205 -1.82 8.36 10.75
N ARG D 206 -0.63 8.92 10.57
CA ARG D 206 -0.03 9.83 11.56
C ARG D 206 -0.87 11.10 11.75
N ALA D 207 -1.52 11.63 10.70
CA ALA D 207 -2.36 12.86 10.82
C ALA D 207 -3.54 12.57 11.73
N VAL D 208 -4.11 11.36 11.67
CA VAL D 208 -5.26 10.98 12.54
C VAL D 208 -4.71 10.92 13.96
N ALA D 209 -3.54 10.32 14.16
CA ALA D 209 -2.94 10.22 15.51
C ALA D 209 -2.71 11.62 16.08
N GLY D 210 -2.25 12.57 15.25
CA GLY D 210 -2.01 14.00 15.56
C GLY D 210 -3.26 14.64 16.14
N LEU D 211 -4.40 14.43 15.46
CA LEU D 211 -5.69 14.99 15.94
C LEU D 211 -6.08 14.33 17.25
N MET D 212 -5.91 13.01 17.37
CA MET D 212 -6.29 12.30 18.61
C MET D 212 -5.44 12.83 19.75
N ASP D 213 -4.18 13.16 19.49
CA ASP D 213 -3.24 13.64 20.53
C ASP D 213 -3.67 15.04 21.00
N ARG D 214 -4.38 15.82 20.18
CA ARG D 214 -4.72 17.23 20.44
C ARG D 214 -6.08 17.30 21.15
N LEU D 215 -6.78 16.16 21.31
CA LEU D 215 -8.10 16.14 21.99
C LEU D 215 -7.88 16.31 23.49
N PRO D 216 -8.79 17.00 24.20
CA PRO D 216 -8.67 17.17 25.65
C PRO D 216 -8.77 15.83 26.40
N THR D 217 -8.15 15.76 27.60
CA THR D 217 -7.96 14.54 28.46
C THR D 217 -7.00 13.58 27.76
CHA HEM E . 10.84 -25.24 -12.78
CHB HEM E . 8.33 -24.05 -8.80
CHC HEM E . 5.65 -28.12 -9.14
CHD HEM E . 7.67 -28.98 -13.49
C1A HEM E . 10.45 -24.63 -11.60
C2A HEM E . 10.89 -23.32 -11.19
C3A HEM E . 10.19 -22.97 -10.06
C4A HEM E . 9.24 -24.04 -9.83
CMA HEM E . 10.40 -21.65 -9.29
CAA HEM E . 12.02 -22.53 -11.84
CBA HEM E . 13.39 -22.82 -11.25
CGA HEM E . 14.48 -22.14 -12.05
O1A HEM E . 14.47 -20.88 -12.31
O2A HEM E . 15.45 -22.85 -12.38
C1B HEM E . 7.37 -25.02 -8.57
C2B HEM E . 6.48 -25.01 -7.46
C3B HEM E . 5.71 -26.13 -7.53
C4B HEM E . 6.14 -26.88 -8.71
CMB HEM E . 6.38 -23.90 -6.43
CAB HEM E . 4.70 -26.45 -6.50
CBB HEM E . 4.28 -27.60 -6.19
C1C HEM E . 5.96 -28.69 -10.35
C2C HEM E . 5.38 -29.86 -10.86
C3C HEM E . 5.92 -30.11 -12.13
C4C HEM E . 6.93 -29.08 -12.32
CMC HEM E . 4.30 -30.66 -10.19
CAC HEM E . 5.65 -31.32 -12.95
CBC HEM E . 6.55 -31.94 -13.71
C1D HEM E . 8.65 -27.98 -13.62
C2D HEM E . 9.40 -27.86 -14.84
C3D HEM E . 10.28 -26.89 -14.65
C4D HEM E . 10.11 -26.35 -13.26
CMD HEM E . 9.31 -28.73 -16.10
CAD HEM E . 11.33 -26.42 -15.68
CBD HEM E . 10.99 -25.00 -16.23
CGD HEM E . 9.56 -24.83 -16.66
O1D HEM E . 9.14 -25.60 -17.54
O2D HEM E . 8.81 -23.99 -16.11
NA HEM E . 9.36 -25.00 -10.79
NB HEM E . 7.24 -26.21 -9.19
NC HEM E . 6.92 -28.24 -11.21
ND HEM E . 9.06 -27.03 -12.70
FE HEM E . 8.32 -26.72 -10.91
OXT A1ECN F . 19.48 -3.39 15.01
C A1ECN F . 20.15 -2.87 14.12
O A1ECN F . 19.86 -2.92 12.89
CA A1ECN F . 21.49 -2.12 14.51
CB A1ECN F . 21.34 -1.02 15.46
CAC A1ECN F . 20.68 0.23 14.74
CAD A1ECN F . 20.44 0.24 13.31
NAG A1ECN F . 21.33 -0.65 12.55
N A1ECN F . 22.08 -1.57 13.28
CHA HEM G . 24.26 -3.22 11.15
CHB HEM G . 19.97 -2.47 9.19
CHC HEM G . 20.34 2.38 9.95
CHD HEM G . 24.44 1.42 12.52
C1A HEM G . 23.09 -3.40 10.47
C2A HEM G . 22.59 -4.67 10.06
C3A HEM G . 21.39 -4.46 9.57
C4A HEM G . 21.14 -3.06 9.65
CMA HEM G . 20.40 -5.48 8.91
CAA HEM G . 23.26 -6.02 10.16
CBA HEM G . 24.06 -6.40 8.90
CGA HEM G . 24.85 -7.65 9.16
O1A HEM G . 24.29 -8.71 9.53
O2A HEM G . 26.11 -7.58 9.04
C1B HEM G . 19.67 -1.09 9.22
C2B HEM G . 18.45 -0.52 8.74
C3B HEM G . 18.56 0.83 8.87
C4B HEM G . 19.88 1.09 9.54
CMB HEM G . 17.32 -1.30 8.10
CAB HEM G . 17.52 1.76 8.50
CBB HEM G . 17.63 3.00 8.30
C1C HEM G . 21.52 2.51 10.75
C2C HEM G . 21.94 3.70 11.32
C3C HEM G . 23.11 3.49 12.05
C4C HEM G . 23.37 2.07 11.93
CMC HEM G . 21.19 5.00 11.12
CAC HEM G . 23.85 4.61 12.69
CBC HEM G . 25.18 4.64 12.83
C1D HEM G . 24.71 0.08 12.38
C2D HEM G . 25.80 -0.57 13.09
C3D HEM G . 25.75 -1.86 12.72
C4D HEM G . 24.63 -1.96 11.74
CMD HEM G . 26.71 0.09 14.06
CAD HEM G . 26.68 -2.94 13.14
CBD HEM G . 26.45 -3.31 14.57
CGD HEM G . 25.06 -3.74 14.74
O1D HEM G . 24.51 -3.56 15.86
O2D HEM G . 24.46 -4.26 13.78
NA HEM G . 22.17 -2.38 10.21
NB HEM G . 20.45 -0.11 9.69
NC HEM G . 22.39 1.52 11.08
ND HEM G . 24.03 -0.78 11.56
FE HEM G . 22.38 -0.43 10.49
CHA HEM H . -23.39 3.46 12.20
CHB HEM H . -19.15 2.68 9.99
CHC HEM H . -19.47 -2.07 10.94
CHD HEM H . -23.37 -1.15 13.63
C1A HEM H . -22.21 3.67 11.49
C2A HEM H . -21.76 4.91 10.97
C3A HEM H . -20.55 4.69 10.38
C4A HEM H . -20.29 3.31 10.48
CMA HEM H . -19.65 5.73 9.68
CAA HEM H . -22.42 6.30 11.10
CBA HEM H . -23.31 6.64 9.87
CGA HEM H . -24.13 7.88 10.11
O1A HEM H . -25.37 7.85 9.92
O2A HEM H . -23.56 8.92 10.38
C1B HEM H . -18.90 1.32 10.06
C2B HEM H . -17.73 0.71 9.53
C3B HEM H . -17.78 -0.64 9.72
C4B HEM H . -19.02 -0.86 10.51
CMB HEM H . -16.58 1.42 8.80
CAB HEM H . -16.66 -1.48 9.21
CBB HEM H . -16.68 -2.82 9.19
C1C HEM H . -20.57 -2.26 11.79
C2C HEM H . -20.98 -3.45 12.36
C3C HEM H . -22.09 -3.20 13.15
C4C HEM H . -22.36 -1.82 13.00
CMC HEM H . -20.27 -4.75 12.17
CAC HEM H . -22.83 -4.27 13.85
CBC HEM H . -24.11 -4.31 14.06
C1D HEM H . -23.66 0.18 13.49
C2D HEM H . -24.72 0.80 14.26
C3D HEM H . -24.74 2.12 13.83
C4D HEM H . -23.70 2.24 12.80
CMD HEM H . -25.63 0.15 15.32
CAD HEM H . -25.67 3.24 14.25
CBD HEM H . -25.45 3.72 15.67
CGD HEM H . -24.06 4.21 15.92
O1D HEM H . -23.42 3.79 16.94
O2D HEM H . -23.56 5.04 15.11
NA HEM H . -21.32 2.65 11.16
NB HEM H . -19.63 0.35 10.63
NC HEM H . -21.42 -1.29 12.16
ND HEM H . -23.08 1.05 12.62
FE HEM H . -21.50 0.69 11.49
OXT A1ECN I . -6.64 21.59 -14.73
C A1ECN I . -7.33 22.50 -14.19
O A1ECN I . -7.73 22.48 -12.98
CA A1ECN I . -7.69 23.75 -15.05
CB A1ECN I . -6.47 24.34 -15.75
CAC A1ECN I . -6.23 25.66 -15.09
CAD A1ECN I . -6.13 25.49 -13.59
NAG A1ECN I . -7.52 25.17 -13.07
N A1ECN I . -8.33 24.67 -14.08
CHA HEM J . -11.65 24.67 -13.41
CHB HEM J . -8.92 23.63 -9.55
CHC HEM J . -6.50 27.78 -10.20
CHD HEM J . -8.95 28.58 -14.32
C1A HEM J . -11.16 24.12 -12.26
C2A HEM J . -11.60 22.82 -11.80
C3A HEM J . -10.81 22.53 -10.69
C4A HEM J . -9.86 23.59 -10.55
CMA HEM J . -10.94 21.23 -9.83
CAA HEM J . -12.75 21.97 -12.39
CBA HEM J . -14.05 22.37 -11.74
CGA HEM J . -15.26 21.61 -12.38
O1A HEM J . -16.31 22.26 -12.69
O2A HEM J . -15.29 20.32 -12.50
C1B HEM J . -7.99 24.65 -9.45
C2B HEM J . -7.07 24.70 -8.39
C3B HEM J . -6.37 25.82 -8.53
C4B HEM J . -6.91 26.56 -9.72
CMB HEM J . -6.85 23.58 -7.39
CAB HEM J . -5.29 26.13 -7.58
CBB HEM J . -4.80 27.32 -7.55
C1C HEM J . -6.90 28.36 -11.39
C2C HEM J . -6.39 29.54 -12.02
C3C HEM J . -7.08 29.76 -13.20
C4C HEM J . -8.07 28.74 -13.27
CMC HEM J . -5.24 30.37 -11.55
CAC HEM J . -6.89 31.00 -14.00
CBC HEM J . -7.93 31.51 -14.66
C1D HEM J . -9.88 27.56 -14.34
C2D HEM J . -10.71 27.36 -15.54
C3D HEM J . -11.46 26.27 -15.31
C4D HEM J . -11.10 25.83 -13.96
CMD HEM J . -10.77 28.23 -16.79
CAD HEM J . -12.49 25.76 -16.28
CBD HEM J . -12.06 24.58 -17.14
CGD HEM J . -10.65 24.36 -17.59
O1D HEM J . -9.98 23.50 -16.98
O2D HEM J . -10.16 25.00 -18.58
NA HEM J . -10.07 24.54 -11.51
NB HEM J . -7.94 25.81 -10.16
NC HEM J . -7.95 27.94 -12.12
ND HEM J . -10.02 26.58 -13.50
FE HEM J . -9.16 26.31 -11.78
OXT A1ECN K . -18.48 3.91 15.95
C A1ECN K . -19.18 3.36 15.04
O A1ECN K . -18.91 3.35 13.80
CA A1ECN K . -20.43 2.53 15.44
CB A1ECN K . -20.08 1.51 16.48
CAC A1ECN K . -20.06 0.15 15.80
CAD A1ECN K . -19.38 0.19 14.47
NAG A1ECN K . -20.27 0.95 13.52
N A1ECN K . -20.98 1.96 14.18
#